data_1IBJ
#
_entry.id   1IBJ
#
_cell.length_a   107.750
_cell.length_b   154.332
_cell.length_c   118.763
_cell.angle_alpha   90.00
_cell.angle_beta   90.00
_cell.angle_gamma   90.00
#
_symmetry.space_group_name_H-M   'C 2 2 21'
#
loop_
_entity.id
_entity.type
_entity.pdbx_description
1 polymer 'CYSTATHIONINE BETA-LYASE'
2 non-polymer 'CARBONATE ION'
3 non-polymer 'SULFATE ION'
4 non-polymer "PYRIDOXAL-5'-PHOSPHATE"
5 water water
#
_entity_poly.entity_id   1
_entity_poly.type   'polypeptide(L)'
_entity_poly.pdbx_seq_one_letter_code
;MTSSLSLHSSFVPSFADLSDRGLISKNSPTSVSISKVPTWEKKQISNRNSFKLNCVMEKSVDGQTHSTVNNTTDSLNTMN
IKEEASVSTLLVNLDNKFDPFDAMSTPLYQTATFKQPSAIENGPYDYTRSGNPTRDALESLLAKLDKADRAFCFTSGMAA
LSAVTHLIKNGEEIVAGDDVYGGSDRLLSQVVPRSGVVVKRVNTTKLDEVAAAIGPQTKLVWLESPTNPRQQISDIRKIS
EMAHAQGALVLVDNSIMSPVLSRPLELGADIVMHSATKFIAGHSDVMAGVLAVKGEKLAKEVYFLQNSEGSGLAPFDCWL
CLRGIKTMALRIEKQQENARKIAMYLSSHPRVKKVYYAGLPDHPGHHLHFSQAKGAGSVFSFITGSVALSKHLVETTKYF
SIAVSFGSVKSLISMPCFMSHASIPAEVREARGLTEDLVRISAGIEDVDDLISDLDIAFKTFPL
;
_entity_poly.pdbx_strand_id   A,C
#
# COMPACT_ATOMS: atom_id res chain seq x y z
N ALA A 85 -24.72 -19.65 15.21
CA ALA A 85 -23.61 -18.72 15.65
C ALA A 85 -23.72 -17.34 14.99
N SER A 86 -24.41 -16.40 15.64
CA SER A 86 -24.63 -15.01 15.17
C SER A 86 -23.40 -14.18 14.92
N VAL A 87 -23.55 -13.17 14.06
CA VAL A 87 -22.44 -12.28 13.75
C VAL A 87 -21.99 -11.52 14.98
N SER A 88 -22.90 -10.86 15.69
CA SER A 88 -22.48 -10.12 16.89
C SER A 88 -21.54 -11.04 17.64
N THR A 89 -21.97 -12.29 17.74
CA THR A 89 -21.22 -13.34 18.43
C THR A 89 -19.96 -13.77 17.75
N LEU A 90 -19.97 -13.82 16.43
CA LEU A 90 -18.73 -14.23 15.74
C LEU A 90 -17.64 -13.14 15.89
N LEU A 91 -18.02 -11.87 15.79
CA LEU A 91 -17.09 -10.73 15.89
C LEU A 91 -16.17 -10.74 17.12
N VAL A 92 -16.62 -11.22 18.26
CA VAL A 92 -15.75 -11.25 19.43
C VAL A 92 -14.97 -12.57 19.59
N ASN A 93 -15.24 -13.53 18.74
CA ASN A 93 -14.52 -14.79 18.77
C ASN A 93 -13.00 -14.52 18.56
N LEU A 94 -12.16 -14.98 19.49
CA LEU A 94 -10.72 -14.82 19.34
C LEU A 94 -10.17 -16.18 18.86
N ASP A 95 -9.85 -16.27 17.57
CA ASP A 95 -9.37 -17.57 17.09
C ASP A 95 -7.88 -17.59 16.81
N ASN A 96 -7.04 -17.54 17.86
CA ASN A 96 -5.58 -17.55 17.65
C ASN A 96 -4.88 -18.82 18.04
N LYS A 97 -4.84 -19.77 17.10
CA LYS A 97 -4.20 -21.08 17.30
C LYS A 97 -2.73 -20.95 17.62
N PHE A 98 -2.06 -20.00 16.96
CA PHE A 98 -0.63 -19.77 17.16
C PHE A 98 -0.19 -19.32 18.56
N ASP A 99 -0.96 -18.46 19.23
CA ASP A 99 -0.57 -17.89 20.54
C ASP A 99 -0.57 -18.83 21.75
N PRO A 100 0.63 -19.12 22.27
CA PRO A 100 0.95 -19.99 23.41
C PRO A 100 0.33 -19.55 24.73
N PHE A 101 0.13 -18.24 24.87
CA PHE A 101 -0.36 -17.67 26.12
C PHE A 101 -1.81 -17.23 26.15
N ASP A 102 -2.56 -17.57 25.10
CA ASP A 102 -3.99 -17.22 24.97
C ASP A 102 -4.36 -15.83 25.42
N ALA A 103 -3.68 -14.81 24.92
CA ALA A 103 -4.01 -13.46 25.29
C ALA A 103 -5.43 -13.18 24.79
N MET A 104 -6.14 -12.27 25.45
CA MET A 104 -7.49 -11.89 25.03
C MET A 104 -7.40 -11.01 23.79
N SER A 105 -6.23 -10.43 23.56
CA SER A 105 -6.04 -9.62 22.35
C SER A 105 -4.99 -10.32 21.49
N THR A 106 -5.19 -10.29 20.19
CA THR A 106 -4.24 -10.91 19.28
C THR A 106 -2.89 -10.19 19.37
N PRO A 107 -1.81 -10.95 19.61
CA PRO A 107 -0.45 -10.41 19.71
C PRO A 107 -0.09 -9.71 18.40
N LEU A 108 0.43 -8.49 18.49
CA LEU A 108 0.78 -7.73 17.32
C LEU A 108 2.19 -8.07 16.89
N TYR A 109 2.32 -8.57 15.67
CA TYR A 109 3.62 -8.92 15.17
C TYR A 109 4.19 -7.79 14.38
N GLN A 110 4.66 -6.77 15.09
CA GLN A 110 5.28 -5.58 14.48
C GLN A 110 6.76 -5.94 14.15
N THR A 111 6.96 -6.55 12.98
CA THR A 111 8.26 -7.01 12.58
C THR A 111 8.21 -7.09 11.08
N ALA A 112 9.35 -6.93 10.41
CA ALA A 112 9.38 -7.03 8.94
C ALA A 112 9.85 -8.44 8.52
N THR A 113 10.81 -9.01 9.24
CA THR A 113 11.32 -10.34 8.92
C THR A 113 11.21 -11.35 10.03
N PHE A 114 11.33 -12.62 9.65
CA PHE A 114 11.25 -13.72 10.58
C PHE A 114 12.47 -14.56 10.30
N LYS A 115 12.99 -15.24 11.32
CA LYS A 115 14.14 -16.10 11.14
C LYS A 115 13.73 -17.41 10.47
N GLN A 116 14.53 -17.89 9.52
CA GLN A 116 14.24 -19.16 8.86
C GLN A 116 14.86 -20.23 9.74
N PRO A 117 14.28 -21.45 9.76
CA PRO A 117 14.71 -22.61 10.56
C PRO A 117 16.03 -23.31 10.14
N SER A 118 16.41 -23.19 8.87
CA SER A 118 17.63 -23.81 8.39
C SER A 118 18.02 -23.02 7.16
N ALA A 119 19.14 -23.40 6.55
CA ALA A 119 19.63 -22.69 5.38
C ALA A 119 18.80 -22.99 4.16
N ILE A 120 18.16 -24.15 4.12
CA ILE A 120 17.38 -24.51 2.96
C ILE A 120 15.90 -24.19 3.01
N GLU A 121 15.25 -24.48 4.13
CA GLU A 121 13.81 -24.22 4.20
C GLU A 121 13.35 -22.99 4.98
N ASN A 122 12.19 -22.50 4.56
CA ASN A 122 11.54 -21.34 5.15
C ASN A 122 10.63 -21.73 6.29
N GLY A 123 10.09 -20.73 6.93
CA GLY A 123 9.16 -20.98 8.02
C GLY A 123 7.77 -20.57 7.55
N PRO A 124 6.77 -20.71 8.44
CA PRO A 124 5.40 -20.34 8.09
C PRO A 124 5.42 -18.90 7.57
N TYR A 125 6.34 -18.13 8.14
CA TYR A 125 6.51 -16.74 7.76
C TYR A 125 7.93 -16.40 7.48
N ASP A 126 8.12 -15.32 6.74
CA ASP A 126 9.43 -14.84 6.40
C ASP A 126 9.47 -13.34 6.18
N TYR A 127 8.38 -12.77 5.68
CA TYR A 127 8.43 -11.34 5.40
C TYR A 127 7.03 -10.71 5.41
N THR A 128 6.84 -9.69 6.24
CA THR A 128 5.52 -9.09 6.41
C THR A 128 4.79 -8.66 5.15
N ARG A 129 5.52 -8.44 4.08
CA ARG A 129 4.88 -8.09 2.83
C ARG A 129 4.23 -9.38 2.31
N SER A 130 4.85 -10.51 2.61
CA SER A 130 4.31 -11.80 2.17
C SER A 130 3.18 -12.31 3.07
N GLY A 131 3.29 -12.06 4.38
CA GLY A 131 2.29 -12.52 5.33
C GLY A 131 2.75 -12.21 6.74
N ASN A 132 1.81 -12.10 7.68
CA ASN A 132 2.07 -11.75 9.07
C ASN A 132 0.93 -12.34 9.91
N PRO A 133 1.22 -12.89 11.12
CA PRO A 133 0.22 -13.51 12.01
C PRO A 133 -0.94 -12.58 12.36
N THR A 134 -0.62 -11.32 12.66
CA THR A 134 -1.69 -10.39 13.00
C THR A 134 -2.64 -10.16 11.81
N ARG A 135 -2.08 -9.95 10.60
CA ARG A 135 -2.90 -9.71 9.41
C ARG A 135 -3.68 -10.96 9.02
N ASP A 136 -3.10 -12.11 9.30
CA ASP A 136 -3.76 -13.38 9.00
C ASP A 136 -4.98 -13.52 9.90
N ALA A 137 -4.86 -13.17 11.17
CA ALA A 137 -5.99 -13.24 12.09
C ALA A 137 -7.18 -12.38 11.58
N LEU A 138 -6.88 -11.26 10.94
CA LEU A 138 -7.93 -10.38 10.45
C LEU A 138 -8.48 -10.84 9.10
N GLU A 139 -7.59 -11.23 8.19
CA GLU A 139 -8.02 -11.71 6.89
C GLU A 139 -8.91 -12.92 7.04
N SER A 140 -8.67 -13.72 8.08
CA SER A 140 -9.48 -14.90 8.37
C SER A 140 -10.86 -14.52 8.92
N LEU A 141 -10.89 -13.60 9.86
CA LEU A 141 -12.21 -13.23 10.36
C LEU A 141 -13.05 -12.72 9.20
N LEU A 142 -12.45 -11.83 8.42
CA LEU A 142 -13.11 -11.20 7.27
C LEU A 142 -13.63 -12.17 6.19
N ALA A 143 -12.95 -13.30 6.00
CA ALA A 143 -13.36 -14.33 5.04
C ALA A 143 -14.57 -14.99 5.64
N LYS A 144 -14.55 -15.28 6.95
CA LYS A 144 -15.72 -15.90 7.57
C LYS A 144 -16.93 -14.95 7.52
N LEU A 145 -16.76 -13.69 7.88
CA LEU A 145 -17.90 -12.76 7.81
C LEU A 145 -18.53 -12.71 6.41
N ASP A 146 -17.71 -12.71 5.37
CA ASP A 146 -18.24 -12.59 4.00
C ASP A 146 -18.50 -13.86 3.28
N LYS A 147 -18.28 -14.99 3.95
CA LYS A 147 -18.50 -16.30 3.33
C LYS A 147 -17.66 -16.35 2.04
N ALA A 148 -16.40 -15.92 2.15
CA ALA A 148 -15.50 -15.93 1.03
C ALA A 148 -14.48 -17.01 1.26
N ASP A 149 -13.83 -17.40 0.19
CA ASP A 149 -12.82 -18.44 0.27
C ASP A 149 -11.58 -17.94 0.99
N ARG A 150 -11.20 -16.72 0.67
CA ARG A 150 -10.04 -16.07 1.27
C ARG A 150 -10.30 -14.58 1.22
N ALA A 151 -9.70 -13.84 2.15
CA ALA A 151 -9.85 -12.40 2.19
C ALA A 151 -8.43 -11.79 2.22
N PHE A 152 -8.31 -10.54 1.78
CA PHE A 152 -7.03 -9.86 1.77
C PHE A 152 -7.19 -8.45 2.29
N CYS A 153 -6.21 -7.99 3.06
CA CYS A 153 -6.26 -6.66 3.65
C CYS A 153 -5.20 -5.80 2.98
N PHE A 154 -5.60 -4.62 2.53
CA PHE A 154 -4.71 -3.73 1.82
C PHE A 154 -4.54 -2.45 2.59
N THR A 155 -3.43 -1.75 2.32
CA THR A 155 -3.10 -0.52 2.96
C THR A 155 -4.29 0.45 3.00
N SER A 156 -5.25 0.32 2.07
CA SER A 156 -6.42 1.20 2.09
C SER A 156 -7.49 0.72 1.13
N GLY A 157 -8.69 1.31 1.19
CA GLY A 157 -9.77 0.94 0.29
C GLY A 157 -9.31 1.02 -1.18
N MET A 158 -8.80 2.18 -1.61
CA MET A 158 -8.29 2.37 -2.98
C MET A 158 -7.22 1.38 -3.40
N ALA A 159 -6.35 0.97 -2.48
CA ALA A 159 -5.31 0.02 -2.83
C ALA A 159 -5.96 -1.28 -3.26
N ALA A 160 -7.03 -1.65 -2.56
CA ALA A 160 -7.77 -2.87 -2.83
C ALA A 160 -8.46 -2.78 -4.19
N LEU A 161 -9.05 -1.62 -4.48
CA LEU A 161 -9.75 -1.44 -5.76
C LEU A 161 -8.70 -1.43 -6.87
N SER A 162 -7.54 -0.90 -6.53
CA SER A 162 -6.45 -0.83 -7.47
C SER A 162 -5.92 -2.26 -7.75
N ALA A 163 -5.85 -3.15 -6.75
CA ALA A 163 -5.40 -4.49 -7.08
C ALA A 163 -6.45 -5.21 -7.98
N VAL A 164 -7.74 -5.22 -7.61
CA VAL A 164 -8.76 -5.90 -8.39
C VAL A 164 -8.48 -5.50 -9.83
N THR A 165 -8.25 -4.21 -10.01
CA THR A 165 -7.95 -3.58 -11.29
C THR A 165 -6.72 -4.15 -12.05
N HIS A 166 -5.70 -4.56 -11.32
CA HIS A 166 -4.47 -5.15 -11.88
C HIS A 166 -4.66 -6.63 -12.25
N LEU A 167 -5.91 -7.05 -12.28
CA LEU A 167 -6.29 -8.42 -12.62
C LEU A 167 -6.67 -8.39 -14.10
N ILE A 168 -7.01 -7.21 -14.59
CA ILE A 168 -7.43 -7.07 -15.97
C ILE A 168 -6.33 -6.57 -16.94
N LYS A 169 -5.92 -7.47 -17.82
CA LYS A 169 -4.86 -7.28 -18.81
C LYS A 169 -5.01 -6.24 -19.91
N ASN A 170 -3.93 -6.10 -20.69
CA ASN A 170 -3.87 -5.16 -21.81
C ASN A 170 -4.98 -5.35 -22.82
N GLY A 171 -5.73 -4.28 -23.08
CA GLY A 171 -6.82 -4.37 -24.05
C GLY A 171 -8.08 -5.16 -23.70
N GLU A 172 -8.37 -5.41 -22.42
CA GLU A 172 -9.61 -6.10 -22.04
C GLU A 172 -10.68 -5.05 -21.71
N GLU A 173 -11.84 -5.48 -21.27
CA GLU A 173 -12.92 -4.54 -21.02
C GLU A 173 -13.48 -4.51 -19.58
N ILE A 174 -13.75 -3.30 -19.08
CA ILE A 174 -14.31 -3.07 -17.75
C ILE A 174 -15.62 -2.30 -17.82
N VAL A 175 -16.70 -2.91 -17.33
CA VAL A 175 -17.99 -2.23 -17.29
C VAL A 175 -18.24 -1.91 -15.82
N ALA A 176 -18.32 -0.61 -15.53
CA ALA A 176 -18.50 -0.08 -14.18
C ALA A 176 -19.54 1.04 -14.10
N GLY A 177 -20.48 0.94 -13.15
CA GLY A 177 -21.50 1.96 -13.00
C GLY A 177 -21.03 3.40 -13.16
N ASP A 178 -21.98 4.33 -13.35
CA ASP A 178 -21.65 5.75 -13.51
C ASP A 178 -21.51 6.36 -12.12
N ASP A 179 -22.34 5.87 -11.20
CA ASP A 179 -22.42 6.31 -9.80
C ASP A 179 -21.13 6.18 -9.01
N VAL A 180 -20.44 5.07 -9.27
CA VAL A 180 -19.19 4.70 -8.62
C VAL A 180 -18.38 5.81 -8.00
N TYR A 181 -18.13 5.64 -6.69
CA TYR A 181 -17.34 6.54 -5.82
C TYR A 181 -16.14 7.33 -6.45
N GLY A 182 -15.96 8.58 -6.00
CA GLY A 182 -14.90 9.44 -6.46
C GLY A 182 -13.56 8.80 -6.78
N GLY A 183 -12.85 8.29 -5.75
CA GLY A 183 -11.57 7.67 -6.00
C GLY A 183 -11.63 6.53 -7.03
N SER A 184 -12.76 5.84 -7.07
CA SER A 184 -12.92 4.76 -8.02
C SER A 184 -13.07 5.36 -9.42
N ASP A 185 -13.75 6.50 -9.46
CA ASP A 185 -13.99 7.21 -10.71
C ASP A 185 -12.64 7.54 -11.30
N ARG A 186 -11.87 8.31 -10.55
CA ARG A 186 -10.53 8.72 -10.94
C ARG A 186 -9.70 7.54 -11.42
N LEU A 187 -9.72 6.47 -10.64
CA LEU A 187 -8.97 5.26 -10.97
C LEU A 187 -9.45 4.65 -12.30
N LEU A 188 -10.76 4.75 -12.54
CA LEU A 188 -11.37 4.21 -13.75
C LEU A 188 -11.12 5.06 -14.99
N SER A 189 -11.00 6.36 -14.82
CA SER A 189 -10.77 7.22 -15.97
C SER A 189 -9.33 7.61 -16.25
N GLN A 190 -8.46 7.61 -15.23
CA GLN A 190 -7.09 8.03 -15.45
C GLN A 190 -5.99 7.02 -15.25
N VAL A 191 -6.26 5.91 -14.58
CA VAL A 191 -5.19 4.95 -14.37
C VAL A 191 -5.41 3.66 -15.15
N VAL A 192 -6.64 3.16 -15.14
CA VAL A 192 -6.95 1.92 -15.84
C VAL A 192 -6.61 2.05 -17.33
N PRO A 193 -6.88 3.23 -17.93
CA PRO A 193 -6.56 3.39 -19.34
C PRO A 193 -5.08 3.13 -19.67
N ARG A 194 -4.19 3.65 -18.83
CA ARG A 194 -2.75 3.47 -19.04
C ARG A 194 -2.36 2.03 -19.35
N SER A 195 -3.24 1.07 -19.07
CA SER A 195 -2.95 -0.36 -19.33
C SER A 195 -3.57 -0.88 -20.61
N GLY A 196 -4.20 -0.01 -21.40
CA GLY A 196 -4.87 -0.48 -22.60
C GLY A 196 -6.20 -1.18 -22.29
N VAL A 197 -6.58 -1.15 -21.00
CA VAL A 197 -7.84 -1.74 -20.53
C VAL A 197 -8.87 -0.68 -20.88
N VAL A 198 -9.98 -1.13 -21.45
CA VAL A 198 -11.06 -0.24 -21.86
C VAL A 198 -12.19 -0.22 -20.85
N VAL A 199 -12.67 1.00 -20.59
CA VAL A 199 -13.71 1.22 -19.60
C VAL A 199 -14.99 1.83 -20.14
N LYS A 200 -16.09 1.12 -19.91
CA LYS A 200 -17.41 1.57 -20.31
C LYS A 200 -18.14 1.95 -19.03
N ARG A 201 -18.83 3.08 -19.03
CA ARG A 201 -19.57 3.50 -17.86
C ARG A 201 -21.06 3.34 -18.09
N VAL A 202 -21.75 2.70 -17.14
CA VAL A 202 -23.18 2.46 -17.24
C VAL A 202 -23.97 2.81 -15.98
N ASN A 203 -25.27 3.03 -16.17
CA ASN A 203 -26.18 3.31 -15.06
C ASN A 203 -26.75 1.96 -14.66
N THR A 204 -25.97 1.23 -13.88
CA THR A 204 -26.31 -0.10 -13.43
C THR A 204 -27.72 -0.37 -12.91
N THR A 205 -28.59 0.66 -12.78
CA THR A 205 -29.98 0.43 -12.33
C THR A 205 -30.87 -0.01 -13.51
N LYS A 206 -30.40 0.26 -14.73
CA LYS A 206 -31.14 -0.05 -15.95
C LYS A 206 -30.57 -1.26 -16.69
N LEU A 207 -31.01 -2.45 -16.29
CA LEU A 207 -30.58 -3.72 -16.88
C LEU A 207 -30.26 -3.71 -18.37
N ASP A 208 -31.03 -2.96 -19.15
CA ASP A 208 -30.80 -2.88 -20.59
C ASP A 208 -29.38 -2.41 -20.81
N GLU A 209 -29.11 -1.19 -20.33
CA GLU A 209 -27.78 -0.59 -20.43
C GLU A 209 -26.71 -1.62 -20.05
N VAL A 210 -26.89 -2.24 -18.89
CA VAL A 210 -25.96 -3.26 -18.41
C VAL A 210 -25.82 -4.30 -19.52
N ALA A 211 -26.96 -4.78 -20.00
CA ALA A 211 -27.00 -5.76 -21.09
C ALA A 211 -26.22 -5.20 -22.28
N ALA A 212 -26.70 -4.06 -22.78
CA ALA A 212 -26.07 -3.37 -23.90
C ALA A 212 -24.56 -3.20 -23.76
N ALA A 213 -24.10 -2.85 -22.55
CA ALA A 213 -22.68 -2.61 -22.31
C ALA A 213 -21.77 -3.84 -22.17
N ILE A 214 -22.34 -4.99 -21.83
CA ILE A 214 -21.55 -6.19 -21.64
C ILE A 214 -21.30 -7.08 -22.85
N GLY A 215 -20.13 -6.95 -23.45
CA GLY A 215 -19.80 -7.73 -24.62
C GLY A 215 -18.95 -8.98 -24.42
N PRO A 216 -18.12 -9.34 -25.42
CA PRO A 216 -17.24 -10.52 -25.41
C PRO A 216 -15.92 -10.21 -24.71
N GLN A 217 -15.58 -8.92 -24.69
CA GLN A 217 -14.35 -8.46 -24.08
C GLN A 217 -14.44 -8.11 -22.59
N THR A 218 -15.67 -8.05 -22.06
CA THR A 218 -15.90 -7.73 -20.66
C THR A 218 -15.33 -8.81 -19.71
N LYS A 219 -14.37 -8.40 -18.88
CA LYS A 219 -13.75 -9.32 -17.92
C LYS A 219 -14.08 -8.92 -16.48
N LEU A 220 -14.60 -7.69 -16.32
CA LEU A 220 -14.99 -7.16 -15.00
C LEU A 220 -16.25 -6.27 -14.99
N VAL A 221 -17.20 -6.60 -14.10
CA VAL A 221 -18.41 -5.79 -13.88
C VAL A 221 -18.21 -5.21 -12.45
N TRP A 222 -18.32 -3.90 -12.31
CA TRP A 222 -18.07 -3.22 -11.03
C TRP A 222 -19.27 -2.41 -10.56
N LEU A 223 -20.01 -2.97 -9.61
CA LEU A 223 -21.22 -2.38 -9.01
C LEU A 223 -20.98 -1.64 -7.69
N GLU A 224 -22.04 -1.05 -7.18
CA GLU A 224 -22.05 -0.32 -5.94
C GLU A 224 -23.52 0.05 -5.67
N SER A 225 -24.10 -0.56 -4.65
CA SER A 225 -25.49 -0.31 -4.28
C SER A 225 -25.73 -0.46 -2.76
N PRO A 226 -26.33 0.58 -2.14
CA PRO A 226 -26.81 1.85 -2.71
C PRO A 226 -25.72 2.73 -3.30
N THR A 227 -26.08 3.64 -4.19
CA THR A 227 -25.12 4.54 -4.80
C THR A 227 -25.00 5.70 -3.86
N ASN A 228 -23.92 6.47 -4.00
CA ASN A 228 -23.72 7.64 -3.14
C ASN A 228 -23.90 8.90 -4.01
N PRO A 229 -24.68 9.87 -3.53
CA PRO A 229 -25.36 9.81 -2.25
C PRO A 229 -26.85 9.53 -2.40
N ARG A 230 -27.32 9.34 -3.62
CA ARG A 230 -28.74 9.11 -3.87
C ARG A 230 -29.33 7.82 -3.34
N GLN A 231 -28.51 6.80 -3.13
CA GLN A 231 -28.95 5.52 -2.57
C GLN A 231 -29.79 4.75 -3.55
N GLN A 232 -29.34 4.72 -4.80
CA GLN A 232 -29.98 3.99 -5.90
C GLN A 232 -29.64 2.49 -5.77
N ILE A 233 -30.64 1.66 -5.96
CA ILE A 233 -30.49 0.23 -5.77
C ILE A 233 -30.33 -0.43 -7.14
N SER A 234 -29.34 -1.30 -7.30
CA SER A 234 -29.13 -2.05 -8.52
C SER A 234 -29.41 -3.53 -8.19
N ASP A 235 -29.83 -4.30 -9.17
CA ASP A 235 -30.10 -5.72 -8.88
C ASP A 235 -28.81 -6.52 -9.07
N ILE A 236 -28.18 -6.90 -7.96
CA ILE A 236 -26.93 -7.64 -8.00
C ILE A 236 -27.04 -9.11 -8.42
N ARG A 237 -28.17 -9.76 -8.18
CA ARG A 237 -28.28 -11.15 -8.60
C ARG A 237 -28.32 -11.28 -10.13
N LYS A 238 -29.08 -10.38 -10.76
CA LYS A 238 -29.28 -10.33 -12.22
C LYS A 238 -28.09 -9.80 -13.02
N ILE A 239 -27.33 -8.88 -12.42
CA ILE A 239 -26.14 -8.37 -13.08
C ILE A 239 -25.06 -9.48 -13.06
N SER A 240 -25.02 -10.24 -11.97
CA SER A 240 -24.03 -11.31 -11.85
C SER A 240 -24.23 -12.41 -12.89
N GLU A 241 -25.48 -12.75 -13.17
CA GLU A 241 -25.80 -13.79 -14.15
C GLU A 241 -25.39 -13.38 -15.59
N MET A 242 -25.67 -12.12 -15.95
CA MET A 242 -25.32 -11.58 -17.26
C MET A 242 -23.82 -11.67 -17.49
N ALA A 243 -23.06 -11.03 -16.60
CA ALA A 243 -21.60 -11.05 -16.66
C ALA A 243 -21.05 -12.46 -16.67
N HIS A 244 -21.57 -13.31 -15.80
CA HIS A 244 -21.07 -14.66 -15.76
C HIS A 244 -21.35 -15.36 -17.04
N ALA A 245 -22.48 -15.06 -17.67
CA ALA A 245 -22.82 -15.70 -18.93
C ALA A 245 -21.90 -15.14 -20.01
N GLN A 246 -21.04 -14.20 -19.62
CA GLN A 246 -20.08 -13.62 -20.55
C GLN A 246 -18.68 -13.90 -20.05
N GLY A 247 -18.60 -14.67 -18.97
CA GLY A 247 -17.31 -15.01 -18.38
C GLY A 247 -16.55 -13.87 -17.73
N ALA A 248 -17.29 -12.88 -17.21
CA ALA A 248 -16.69 -11.72 -16.54
C ALA A 248 -16.74 -11.82 -14.99
N LEU A 249 -15.76 -11.22 -14.31
CA LEU A 249 -15.74 -11.24 -12.84
C LEU A 249 -16.67 -10.14 -12.34
N VAL A 250 -17.31 -10.34 -11.21
CA VAL A 250 -18.16 -9.30 -10.69
C VAL A 250 -17.64 -8.80 -9.36
N LEU A 251 -17.36 -7.51 -9.29
CA LEU A 251 -16.89 -6.88 -8.07
C LEU A 251 -18.00 -6.00 -7.47
N VAL A 252 -18.21 -6.13 -6.15
CA VAL A 252 -19.19 -5.30 -5.49
C VAL A 252 -18.44 -4.60 -4.36
N ASP A 253 -18.42 -3.26 -4.41
CA ASP A 253 -17.78 -2.45 -3.38
C ASP A 253 -18.88 -2.30 -2.35
N ASN A 254 -18.80 -3.11 -1.31
CA ASN A 254 -19.80 -3.15 -0.28
C ASN A 254 -19.50 -2.24 0.93
N SER A 255 -18.61 -1.29 0.75
CA SER A 255 -18.22 -0.35 1.82
C SER A 255 -19.38 0.21 2.66
N ILE A 256 -20.44 0.70 2.00
CA ILE A 256 -21.54 1.30 2.74
C ILE A 256 -22.45 0.37 3.47
N MET A 257 -22.38 -0.92 3.13
CA MET A 257 -23.19 -1.96 3.78
C MET A 257 -22.43 -2.80 4.86
N SER A 258 -21.19 -3.18 4.58
CA SER A 258 -20.38 -4.00 5.50
C SER A 258 -20.98 -5.40 5.65
N PRO A 259 -20.21 -6.32 6.16
CA PRO A 259 -20.66 -7.70 6.35
C PRO A 259 -21.92 -7.98 7.16
N VAL A 260 -22.40 -7.05 7.96
CA VAL A 260 -23.61 -7.39 8.71
C VAL A 260 -24.94 -6.96 8.12
N LEU A 261 -24.96 -6.57 6.85
CA LEU A 261 -26.20 -6.13 6.24
C LEU A 261 -26.35 -6.64 4.83
N SER A 262 -25.24 -7.18 4.33
CA SER A 262 -25.19 -7.69 2.97
C SER A 262 -23.94 -8.58 2.84
N ARG A 263 -24.06 -9.66 2.05
CA ARG A 263 -22.91 -10.55 1.81
C ARG A 263 -23.02 -10.92 0.33
N PRO A 264 -22.63 -9.99 -0.56
CA PRO A 264 -22.66 -10.12 -2.03
C PRO A 264 -22.11 -11.41 -2.66
N LEU A 265 -21.19 -12.09 -2.01
CA LEU A 265 -20.73 -13.32 -2.61
C LEU A 265 -21.85 -14.38 -2.62
N GLU A 266 -22.96 -14.13 -1.94
CA GLU A 266 -24.07 -15.08 -1.98
C GLU A 266 -25.15 -14.57 -2.95
N LEU A 267 -24.76 -13.63 -3.81
CA LEU A 267 -25.67 -13.00 -4.78
C LEU A 267 -25.05 -12.99 -6.17
N GLY A 268 -23.99 -13.77 -6.35
CA GLY A 268 -23.33 -13.84 -7.63
C GLY A 268 -22.01 -13.09 -7.75
N ALA A 269 -21.70 -12.22 -6.81
CA ALA A 269 -20.47 -11.46 -6.92
C ALA A 269 -19.28 -12.39 -6.76
N ASP A 270 -18.14 -12.03 -7.35
CA ASP A 270 -16.90 -12.83 -7.25
C ASP A 270 -15.91 -12.26 -6.22
N ILE A 271 -15.92 -10.94 -6.11
CA ILE A 271 -15.07 -10.26 -5.16
C ILE A 271 -15.87 -9.17 -4.54
N VAL A 272 -15.84 -9.11 -3.22
CA VAL A 272 -16.52 -8.04 -2.54
C VAL A 272 -15.41 -7.19 -1.97
N MET A 273 -15.56 -5.87 -2.05
CA MET A 273 -14.54 -4.99 -1.49
C MET A 273 -15.16 -4.02 -0.51
N HIS A 274 -14.41 -3.71 0.56
CA HIS A 274 -14.82 -2.78 1.64
C HIS A 274 -13.73 -1.76 1.91
N SER A 275 -14.10 -0.53 2.22
CA SER A 275 -13.09 0.44 2.61
C SER A 275 -13.18 0.20 4.10
N ALA A 276 -12.28 -0.59 4.68
CA ALA A 276 -12.36 -0.94 6.10
C ALA A 276 -12.09 0.25 6.97
N THR A 277 -11.78 1.35 6.30
CA THR A 277 -11.55 2.66 6.91
C THR A 277 -12.90 3.14 7.48
N LYS A 278 -13.98 2.61 6.93
CA LYS A 278 -15.33 3.02 7.29
C LYS A 278 -16.01 2.26 8.46
N PHE A 279 -16.93 1.35 8.19
CA PHE A 279 -17.59 0.65 9.29
C PHE A 279 -16.81 -0.38 10.02
N ILE A 280 -15.92 -1.10 9.33
CA ILE A 280 -15.14 -2.16 9.97
C ILE A 280 -14.30 -1.64 11.10
N ALA A 281 -13.37 -0.75 10.81
CA ALA A 281 -12.54 -0.17 11.89
C ALA A 281 -13.46 0.67 12.79
N GLY A 282 -14.37 1.41 12.17
CA GLY A 282 -15.33 2.23 12.89
C GLY A 282 -14.93 3.42 13.77
N HIS A 283 -13.67 3.80 13.82
CA HIS A 283 -13.34 4.95 14.66
C HIS A 283 -12.64 6.12 13.99
N SER A 284 -12.62 6.16 12.67
CA SER A 284 -11.98 7.25 11.95
C SER A 284 -10.48 7.30 12.19
N ASP A 285 -9.89 6.26 12.78
CA ASP A 285 -8.46 6.31 13.04
C ASP A 285 -7.51 5.35 12.28
N VAL A 286 -8.01 4.57 11.30
CA VAL A 286 -7.19 3.61 10.52
C VAL A 286 -7.67 3.56 9.07
N MET A 287 -6.72 3.46 8.14
CA MET A 287 -6.98 3.44 6.70
C MET A 287 -6.81 1.96 6.39
N ALA A 288 -7.76 1.36 5.69
CA ALA A 288 -7.63 -0.06 5.33
C ALA A 288 -8.62 -0.50 4.28
N GLY A 289 -8.22 -1.43 3.42
CA GLY A 289 -9.13 -1.93 2.40
C GLY A 289 -9.24 -3.46 2.53
N VAL A 290 -10.35 -4.05 2.12
CA VAL A 290 -10.47 -5.49 2.25
C VAL A 290 -10.98 -5.97 0.94
N LEU A 291 -10.49 -7.16 0.58
CA LEU A 291 -10.89 -7.86 -0.62
C LEU A 291 -11.33 -9.25 -0.17
N ALA A 292 -12.59 -9.59 -0.41
CA ALA A 292 -13.17 -10.89 -0.04
C ALA A 292 -13.44 -11.56 -1.37
N VAL A 293 -12.76 -12.68 -1.53
CA VAL A 293 -12.73 -13.47 -2.76
C VAL A 293 -13.41 -14.85 -2.77
N LYS A 294 -14.01 -15.16 -3.92
CA LYS A 294 -14.70 -16.42 -4.18
C LYS A 294 -13.92 -17.14 -5.28
N GLY A 295 -13.40 -18.33 -4.97
CA GLY A 295 -12.64 -19.07 -5.96
C GLY A 295 -11.15 -19.15 -5.68
N GLU A 296 -10.63 -20.38 -5.50
CA GLU A 296 -9.21 -20.56 -5.25
C GLU A 296 -8.30 -19.93 -6.31
N LYS A 297 -8.61 -20.10 -7.59
CA LYS A 297 -7.75 -19.52 -8.63
C LYS A 297 -7.67 -18.02 -8.47
N LEU A 298 -8.85 -17.38 -8.39
CA LEU A 298 -9.00 -15.91 -8.26
C LEU A 298 -8.20 -15.43 -7.05
N ALA A 299 -8.49 -16.03 -5.90
CA ALA A 299 -7.78 -15.70 -4.69
C ALA A 299 -6.29 -15.69 -4.99
N LYS A 300 -5.77 -16.82 -5.51
CA LYS A 300 -4.34 -16.97 -5.84
C LYS A 300 -3.86 -15.80 -6.67
N GLU A 301 -4.74 -15.31 -7.50
CA GLU A 301 -4.37 -14.21 -8.33
C GLU A 301 -4.38 -12.90 -7.57
N VAL A 302 -5.24 -12.79 -6.55
CA VAL A 302 -5.30 -11.58 -5.74
C VAL A 302 -4.10 -11.62 -4.80
N TYR A 303 -3.83 -12.78 -4.22
CA TYR A 303 -2.69 -12.86 -3.34
C TYR A 303 -1.42 -12.49 -4.10
N PHE A 304 -1.29 -13.02 -5.30
CA PHE A 304 -0.10 -12.74 -6.09
C PHE A 304 0.12 -11.21 -6.23
N LEU A 305 -0.97 -10.46 -6.34
CA LEU A 305 -0.83 -9.02 -6.49
C LEU A 305 -0.65 -8.32 -5.14
N GLN A 306 -1.31 -8.78 -4.08
CA GLN A 306 -1.12 -8.10 -2.78
C GLN A 306 0.33 -8.24 -2.36
N ASN A 307 0.89 -9.38 -2.72
CA ASN A 307 2.25 -9.67 -2.39
C ASN A 307 3.32 -8.98 -3.26
N SER A 308 3.11 -8.95 -4.57
CA SER A 308 4.10 -8.36 -5.46
C SER A 308 4.12 -6.82 -5.49
N GLU A 309 2.95 -6.21 -5.31
CA GLU A 309 2.80 -4.75 -5.30
C GLU A 309 2.93 -4.26 -3.84
N GLY A 310 3.35 -5.18 -2.96
CA GLY A 310 3.55 -4.90 -1.55
C GLY A 310 2.53 -3.95 -1.02
N SER A 311 1.31 -4.41 -0.89
CA SER A 311 0.28 -3.54 -0.40
C SER A 311 -0.60 -4.06 0.69
N GLY A 312 -0.20 -5.14 1.34
CA GLY A 312 -1.01 -5.66 2.42
C GLY A 312 -1.01 -4.66 3.56
N LEU A 313 -2.16 -4.53 4.24
CA LEU A 313 -2.31 -3.58 5.36
C LEU A 313 -1.21 -3.86 6.39
N ALA A 314 -0.65 -2.84 7.01
CA ALA A 314 0.40 -3.10 8.00
C ALA A 314 -0.10 -3.73 9.33
N PRO A 315 0.78 -4.45 10.05
CA PRO A 315 0.33 -5.07 11.32
C PRO A 315 -0.36 -4.19 12.41
N PHE A 316 0.13 -2.98 12.64
CA PHE A 316 -0.50 -2.14 13.66
C PHE A 316 -1.91 -1.84 13.19
N ASP A 317 -2.03 -1.47 11.93
CA ASP A 317 -3.32 -1.23 11.32
C ASP A 317 -4.26 -2.45 11.37
N CYS A 318 -3.73 -3.64 11.12
CA CYS A 318 -4.53 -4.85 11.18
C CYS A 318 -5.01 -5.01 12.61
N TRP A 319 -4.13 -4.72 13.56
CA TRP A 319 -4.51 -4.87 14.96
C TRP A 319 -5.62 -3.90 15.34
N LEU A 320 -5.55 -2.67 14.85
CA LEU A 320 -6.58 -1.68 15.13
C LEU A 320 -7.87 -2.10 14.44
N CYS A 321 -7.79 -2.76 13.28
CA CYS A 321 -9.03 -3.20 12.64
C CYS A 321 -9.64 -4.32 13.47
N LEU A 322 -8.80 -5.24 13.93
CA LEU A 322 -9.28 -6.35 14.73
C LEU A 322 -9.96 -5.79 15.97
N ARG A 323 -9.41 -4.72 16.51
CA ARG A 323 -9.94 -4.18 17.72
C ARG A 323 -11.26 -3.47 17.50
N GLY A 324 -11.32 -2.68 16.44
CA GLY A 324 -12.55 -1.97 16.20
C GLY A 324 -13.63 -2.81 15.57
N ILE A 325 -13.26 -3.85 14.83
CA ILE A 325 -14.30 -4.66 14.20
C ILE A 325 -15.15 -5.37 15.22
N LYS A 326 -14.66 -5.55 16.45
CA LYS A 326 -15.45 -6.26 17.45
C LYS A 326 -16.77 -5.61 17.83
N THR A 327 -16.84 -4.28 17.80
CA THR A 327 -18.09 -3.57 18.09
C THR A 327 -18.90 -3.24 16.81
N MET A 328 -18.47 -3.78 15.67
CA MET A 328 -19.16 -3.52 14.41
C MET A 328 -20.66 -3.75 14.38
N ALA A 329 -21.08 -4.94 14.82
CA ALA A 329 -22.52 -5.24 14.82
C ALA A 329 -23.21 -4.26 15.78
N LEU A 330 -22.64 -4.09 16.96
CA LEU A 330 -23.17 -3.15 17.94
C LEU A 330 -23.24 -1.70 17.37
N ARG A 331 -22.16 -1.21 16.77
CA ARG A 331 -22.12 0.14 16.22
C ARG A 331 -23.18 0.36 15.12
N ILE A 332 -23.26 -0.57 14.18
CA ILE A 332 -24.27 -0.46 13.14
C ILE A 332 -25.70 -0.49 13.70
N GLU A 333 -25.95 -1.42 14.62
CA GLU A 333 -27.28 -1.52 15.19
C GLU A 333 -27.76 -0.14 15.73
N LYS A 334 -27.04 0.44 16.64
CA LYS A 334 -27.47 1.76 17.06
C LYS A 334 -27.36 2.79 15.91
N GLN A 335 -26.37 2.68 15.01
CA GLN A 335 -26.25 3.71 13.99
C GLN A 335 -27.41 3.74 12.98
N GLN A 336 -27.68 2.57 12.41
CA GLN A 336 -28.77 2.36 11.46
C GLN A 336 -30.08 2.90 12.04
N GLU A 337 -30.40 2.48 13.26
CA GLU A 337 -31.63 2.95 13.91
C GLU A 337 -31.65 4.48 14.00
N ASN A 338 -30.47 5.07 14.18
CA ASN A 338 -30.37 6.50 14.32
C ASN A 338 -30.70 7.13 13.03
N ALA A 339 -30.11 6.61 11.95
CA ALA A 339 -30.39 7.14 10.62
C ALA A 339 -31.90 7.00 10.33
N ARG A 340 -32.48 5.83 10.60
CA ARG A 340 -33.91 5.67 10.38
C ARG A 340 -34.64 6.90 11.00
N LYS A 341 -34.49 7.07 12.31
CA LYS A 341 -35.18 8.13 13.00
C LYS A 341 -34.90 9.52 12.47
N ILE A 342 -33.66 9.81 12.13
CA ILE A 342 -33.33 11.13 11.62
C ILE A 342 -33.90 11.39 10.21
N ALA A 343 -34.13 10.32 9.44
CA ALA A 343 -34.71 10.45 8.11
C ALA A 343 -36.19 10.65 8.37
N MET A 344 -36.71 9.98 9.38
CA MET A 344 -38.12 10.14 9.71
C MET A 344 -38.40 11.64 9.89
N TYR A 345 -37.65 12.25 10.81
CA TYR A 345 -37.77 13.67 11.15
C TYR A 345 -37.63 14.62 9.96
N LEU A 346 -36.61 14.39 9.15
CA LEU A 346 -36.37 15.23 7.98
C LEU A 346 -37.41 15.03 6.87
N SER A 347 -37.87 13.81 6.72
CA SER A 347 -38.82 13.51 5.67
C SER A 347 -40.05 14.37 5.78
N SER A 348 -40.55 14.53 7.01
CA SER A 348 -41.73 15.33 7.26
C SER A 348 -41.41 16.75 7.73
N HIS A 349 -40.26 17.27 7.33
CA HIS A 349 -39.88 18.60 7.76
C HIS A 349 -40.10 19.56 6.58
N PRO A 350 -40.76 20.70 6.84
CA PRO A 350 -41.15 21.81 5.96
C PRO A 350 -40.08 22.43 5.08
N ARG A 351 -38.83 22.40 5.52
CA ARG A 351 -37.76 22.99 4.74
C ARG A 351 -36.94 21.93 3.98
N VAL A 352 -37.38 20.68 4.04
CA VAL A 352 -36.66 19.61 3.34
C VAL A 352 -37.44 19.09 2.13
N LYS A 353 -36.90 19.31 0.92
CA LYS A 353 -37.54 18.90 -0.34
C LYS A 353 -37.61 17.41 -0.67
N LYS A 354 -36.49 16.70 -0.54
CA LYS A 354 -36.46 15.26 -0.83
C LYS A 354 -35.50 14.59 0.16
N VAL A 355 -35.78 13.38 0.60
CA VAL A 355 -34.84 12.72 1.52
C VAL A 355 -34.40 11.39 0.93
N TYR A 356 -33.11 11.19 0.77
CA TYR A 356 -32.68 9.93 0.19
C TYR A 356 -32.18 8.96 1.24
N TYR A 357 -32.95 7.90 1.38
CA TYR A 357 -32.63 6.85 2.34
C TYR A 357 -33.42 5.63 1.93
N ALA A 358 -32.70 4.54 1.75
CA ALA A 358 -33.32 3.30 1.35
C ALA A 358 -34.20 2.63 2.42
N GLY A 359 -34.23 3.18 3.64
CA GLY A 359 -35.06 2.57 4.69
C GLY A 359 -36.47 3.12 4.68
N LEU A 360 -36.63 4.27 4.03
CA LEU A 360 -37.92 4.91 3.91
C LEU A 360 -38.79 4.16 2.92
N PRO A 361 -39.99 3.70 3.37
CA PRO A 361 -40.93 2.95 2.53
C PRO A 361 -41.11 3.57 1.13
N ASP A 362 -41.17 4.91 1.10
CA ASP A 362 -41.36 5.69 -0.13
C ASP A 362 -40.17 5.75 -1.07
N HIS A 363 -39.05 5.15 -0.66
CA HIS A 363 -37.84 5.21 -1.49
C HIS A 363 -37.75 4.19 -2.64
N PRO A 364 -37.59 4.67 -3.89
CA PRO A 364 -37.51 3.75 -5.02
C PRO A 364 -36.34 2.81 -4.82
N GLY A 365 -36.64 1.52 -4.72
CA GLY A 365 -35.61 0.52 -4.53
C GLY A 365 -35.74 -0.25 -3.24
N HIS A 366 -36.48 0.33 -2.28
CA HIS A 366 -36.70 -0.26 -0.96
C HIS A 366 -36.82 -1.78 -0.94
N HIS A 367 -37.82 -2.26 -1.67
CA HIS A 367 -38.09 -3.68 -1.77
C HIS A 367 -36.98 -4.41 -2.49
N LEU A 368 -36.33 -3.78 -3.47
CA LEU A 368 -35.21 -4.43 -4.17
C LEU A 368 -34.07 -4.62 -3.18
N HIS A 369 -33.58 -3.51 -2.62
CA HIS A 369 -32.52 -3.52 -1.62
C HIS A 369 -32.75 -4.52 -0.51
N PHE A 370 -33.89 -4.41 0.17
CA PHE A 370 -34.17 -5.34 1.26
C PHE A 370 -34.35 -6.79 0.72
N SER A 371 -34.27 -6.95 -0.58
CA SER A 371 -34.41 -8.30 -1.10
C SER A 371 -32.99 -8.87 -1.19
N GLN A 372 -32.01 -8.00 -0.99
CA GLN A 372 -30.62 -8.40 -1.06
C GLN A 372 -29.69 -7.79 0.05
N ALA A 373 -30.29 -7.20 1.07
CA ALA A 373 -29.56 -6.61 2.21
C ALA A 373 -30.48 -6.65 3.42
N LYS A 374 -29.93 -6.93 4.60
CA LYS A 374 -30.75 -6.99 5.80
C LYS A 374 -31.02 -5.57 6.37
N GLY A 375 -30.54 -4.50 5.70
CA GLY A 375 -30.84 -3.18 6.28
C GLY A 375 -30.38 -2.03 5.44
N ALA A 376 -30.83 -0.83 5.77
CA ALA A 376 -30.47 0.37 4.98
C ALA A 376 -29.25 1.17 5.49
N GLY A 377 -28.46 0.63 6.38
CA GLY A 377 -27.33 1.41 6.80
C GLY A 377 -27.58 2.76 7.44
N SER A 378 -26.50 3.54 7.51
CA SER A 378 -26.57 4.78 8.23
C SER A 378 -26.20 6.04 7.54
N VAL A 379 -26.14 6.01 6.23
CA VAL A 379 -25.79 7.22 5.47
C VAL A 379 -27.01 7.61 4.65
N PHE A 380 -27.29 8.89 4.55
CA PHE A 380 -28.42 9.27 3.77
C PHE A 380 -28.23 10.74 3.49
N SER A 381 -29.05 11.29 2.60
CA SER A 381 -28.90 12.68 2.32
C SER A 381 -30.24 13.27 2.04
N PHE A 382 -30.25 14.58 1.97
CA PHE A 382 -31.47 15.26 1.68
C PHE A 382 -31.17 16.52 0.93
N ILE A 383 -32.16 17.02 0.20
CA ILE A 383 -32.03 18.26 -0.54
C ILE A 383 -32.97 19.25 0.13
N THR A 384 -32.63 20.53 0.05
CA THR A 384 -33.46 21.56 0.66
C THR A 384 -33.77 22.68 -0.35
N GLY A 385 -33.22 22.55 -1.55
CA GLY A 385 -33.42 23.53 -2.60
C GLY A 385 -32.72 24.83 -2.28
N SER A 386 -32.00 24.85 -1.16
CA SER A 386 -31.28 26.06 -0.76
C SER A 386 -29.81 25.85 -0.38
N VAL A 387 -28.92 26.02 -1.35
CA VAL A 387 -27.49 25.92 -1.09
C VAL A 387 -27.10 26.73 0.16
N ALA A 388 -27.77 27.86 0.38
CA ALA A 388 -27.45 28.67 1.54
C ALA A 388 -27.90 28.04 2.86
N LEU A 389 -29.04 27.36 2.85
CA LEU A 389 -29.55 26.72 4.07
C LEU A 389 -28.79 25.42 4.39
N SER A 390 -28.33 24.74 3.33
CA SER A 390 -27.57 23.51 3.46
C SER A 390 -26.22 23.82 4.11
N LYS A 391 -25.50 24.83 3.59
CA LYS A 391 -24.23 25.20 4.19
C LYS A 391 -24.50 25.49 5.67
N HIS A 392 -25.59 26.22 5.91
CA HIS A 392 -25.93 26.61 7.26
C HIS A 392 -26.18 25.44 8.22
N LEU A 393 -26.88 24.42 7.73
CA LEU A 393 -27.15 23.25 8.57
C LEU A 393 -25.80 22.64 8.85
N VAL A 394 -24.99 22.50 7.81
CA VAL A 394 -23.65 21.91 7.89
C VAL A 394 -22.69 22.58 8.86
N GLU A 395 -22.67 23.90 8.85
CA GLU A 395 -21.73 24.60 9.71
C GLU A 395 -22.24 24.90 11.10
N THR A 396 -23.56 24.96 11.27
CA THR A 396 -24.15 25.28 12.57
C THR A 396 -24.42 24.10 13.49
N THR A 397 -24.65 22.92 12.93
CA THR A 397 -24.93 21.77 13.78
C THR A 397 -23.81 21.62 14.76
N LYS A 398 -24.15 21.51 16.03
CA LYS A 398 -23.11 21.37 17.05
C LYS A 398 -22.62 19.95 17.22
N TYR A 399 -23.45 18.96 16.85
CA TYR A 399 -23.09 17.55 17.05
C TYR A 399 -22.58 16.73 15.88
N PHE A 400 -22.54 17.34 14.69
CA PHE A 400 -22.06 16.66 13.49
C PHE A 400 -20.77 17.32 13.10
N SER A 401 -19.79 16.54 12.68
CA SER A 401 -18.51 17.11 12.25
C SER A 401 -18.57 17.23 10.75
N ILE A 402 -17.92 18.26 10.22
CA ILE A 402 -17.88 18.47 8.79
C ILE A 402 -16.73 17.61 8.33
N ALA A 403 -17.04 16.47 7.71
CA ALA A 403 -15.94 15.61 7.30
C ALA A 403 -16.32 14.65 6.23
N VAL A 404 -15.31 14.09 5.57
CA VAL A 404 -15.52 13.10 4.51
C VAL A 404 -15.75 11.70 5.15
N SER A 405 -16.31 10.81 4.34
CA SER A 405 -16.63 9.44 4.75
C SER A 405 -17.76 9.25 5.75
N PHE A 406 -17.86 8.01 6.19
CA PHE A 406 -18.96 7.58 7.01
C PHE A 406 -18.57 6.36 7.78
N GLY A 407 -19.53 5.81 8.51
CA GLY A 407 -19.33 4.59 9.25
C GLY A 407 -18.60 4.68 10.56
N SER A 408 -18.36 5.91 11.03
CA SER A 408 -17.67 6.11 12.30
C SER A 408 -18.67 6.36 13.42
N VAL A 409 -18.22 6.17 14.66
CA VAL A 409 -19.08 6.40 15.78
C VAL A 409 -19.50 7.88 15.87
N LYS A 410 -18.80 8.76 15.18
CA LYS A 410 -19.15 10.17 15.28
C LYS A 410 -20.04 10.55 14.10
N SER A 411 -21.06 11.38 14.34
CA SER A 411 -21.96 11.78 13.27
C SER A 411 -21.26 12.84 12.46
N LEU A 412 -21.35 12.67 11.15
CA LEU A 412 -20.75 13.58 10.22
C LEU A 412 -21.83 14.15 9.35
N ILE A 413 -21.52 15.30 8.77
CA ILE A 413 -22.42 16.01 7.88
C ILE A 413 -21.53 16.68 6.86
N SER A 414 -22.01 16.79 5.63
CA SER A 414 -21.24 17.41 4.57
C SER A 414 -22.13 17.68 3.38
N MET A 415 -21.52 18.28 2.37
CA MET A 415 -22.19 18.58 1.13
C MET A 415 -21.33 18.03 0.01
N PRO A 416 -21.67 16.85 -0.52
CA PRO A 416 -20.96 16.16 -1.61
C PRO A 416 -20.71 17.02 -2.85
N CYS A 417 -21.66 17.90 -3.18
CA CYS A 417 -21.50 18.77 -4.35
C CYS A 417 -20.51 19.94 -4.11
N PHE A 418 -20.86 20.88 -3.23
CA PHE A 418 -19.94 21.98 -3.00
C PHE A 418 -18.69 21.62 -2.15
N MET A 419 -18.51 20.35 -1.78
CA MET A 419 -17.35 19.92 -0.97
C MET A 419 -16.59 18.72 -1.52
N SER A 420 -17.19 17.54 -1.51
CA SER A 420 -16.56 16.31 -2.00
C SER A 420 -16.33 16.38 -3.51
N HIS A 421 -16.26 17.61 -4.01
CA HIS A 421 -16.04 17.95 -5.41
C HIS A 421 -16.10 19.49 -5.43
N ALA A 422 -15.65 20.08 -4.31
CA ALA A 422 -15.61 21.52 -4.09
C ALA A 422 -15.28 22.32 -5.33
N SER A 423 -14.09 22.07 -5.88
CA SER A 423 -13.64 22.76 -7.09
C SER A 423 -14.47 22.30 -8.31
N ILE A 424 -15.80 22.40 -8.21
CA ILE A 424 -16.72 22.03 -9.29
C ILE A 424 -17.56 23.25 -9.75
N PRO A 425 -17.52 23.51 -11.06
CA PRO A 425 -18.22 24.65 -11.68
C PRO A 425 -19.75 24.59 -11.60
N ALA A 426 -20.42 25.08 -12.64
CA ALA A 426 -21.89 25.11 -12.69
C ALA A 426 -22.49 23.88 -13.38
N GLU A 427 -21.90 23.48 -14.50
CA GLU A 427 -22.36 22.31 -15.26
C GLU A 427 -21.43 21.13 -14.92
N VAL A 428 -20.26 21.46 -14.38
CA VAL A 428 -19.26 20.46 -13.98
C VAL A 428 -19.64 19.90 -12.61
N ARG A 429 -20.54 20.62 -11.93
CA ARG A 429 -21.07 20.23 -10.61
C ARG A 429 -22.40 19.50 -10.80
N GLU A 430 -23.12 19.85 -11.86
CA GLU A 430 -24.39 19.22 -12.20
C GLU A 430 -24.10 18.08 -13.19
N ALA A 431 -22.83 17.95 -13.59
CA ALA A 431 -22.38 16.89 -14.51
C ALA A 431 -22.29 15.60 -13.70
N ARG A 432 -22.83 15.66 -12.48
CA ARG A 432 -22.89 14.55 -11.54
C ARG A 432 -24.26 14.64 -10.88
N GLY A 433 -25.05 13.56 -10.96
CA GLY A 433 -26.40 13.53 -10.37
C GLY A 433 -26.36 13.93 -8.88
N LEU A 434 -26.40 15.24 -8.65
CA LEU A 434 -26.34 15.79 -7.31
C LEU A 434 -26.49 17.32 -7.43
N THR A 435 -27.56 17.86 -6.87
CA THR A 435 -27.76 19.31 -6.90
C THR A 435 -26.80 19.87 -5.83
N GLU A 436 -26.18 21.01 -6.11
CA GLU A 436 -25.20 21.55 -5.18
C GLU A 436 -25.64 21.83 -3.74
N ASP A 437 -26.91 21.57 -3.42
CA ASP A 437 -27.35 21.82 -2.06
C ASP A 437 -27.63 20.53 -1.28
N LEU A 438 -27.30 19.39 -1.89
CA LEU A 438 -27.48 18.08 -1.28
C LEU A 438 -26.62 17.96 -0.03
N VAL A 439 -27.23 17.61 1.10
CA VAL A 439 -26.50 17.44 2.36
C VAL A 439 -26.47 15.95 2.75
N ARG A 440 -25.29 15.41 3.02
CA ARG A 440 -25.19 14.00 3.46
C ARG A 440 -24.84 13.90 4.94
N ILE A 441 -25.53 13.01 5.63
CA ILE A 441 -25.30 12.78 7.05
C ILE A 441 -24.90 11.33 7.28
N SER A 442 -23.96 11.11 8.18
CA SER A 442 -23.57 9.75 8.55
C SER A 442 -23.89 9.71 10.03
N ALA A 443 -24.91 8.94 10.42
CA ALA A 443 -25.32 8.85 11.82
C ALA A 443 -24.29 8.07 12.57
N GLY A 444 -24.06 8.49 13.82
CA GLY A 444 -23.07 7.89 14.69
C GLY A 444 -23.84 7.28 15.84
N ILE A 445 -23.18 6.99 16.95
CA ILE A 445 -23.87 6.32 18.08
C ILE A 445 -24.28 7.18 19.27
N GLU A 446 -24.49 8.48 19.05
CA GLU A 446 -24.92 9.41 20.10
C GLU A 446 -26.41 9.30 20.38
N ASP A 447 -26.94 10.11 21.29
CA ASP A 447 -28.38 10.07 21.61
C ASP A 447 -29.10 10.72 20.44
N VAL A 448 -30.00 9.99 19.79
CA VAL A 448 -30.69 10.54 18.64
C VAL A 448 -31.51 11.77 18.94
N ASP A 449 -31.84 11.98 20.22
CA ASP A 449 -32.60 13.17 20.62
C ASP A 449 -31.70 14.39 20.62
N ASP A 450 -30.43 14.13 20.86
CA ASP A 450 -29.41 15.17 20.83
C ASP A 450 -29.15 15.59 19.39
N LEU A 451 -29.09 14.60 18.53
CA LEU A 451 -28.83 14.86 17.12
C LEU A 451 -30.03 15.53 16.44
N ILE A 452 -31.23 14.99 16.63
CA ILE A 452 -32.43 15.58 16.03
C ILE A 452 -32.67 17.02 16.57
N SER A 453 -32.48 17.22 17.87
CA SER A 453 -32.65 18.55 18.44
C SER A 453 -31.60 19.52 17.88
N ASP A 454 -30.41 18.99 17.61
CA ASP A 454 -29.31 19.79 17.09
C ASP A 454 -29.67 20.33 15.71
N LEU A 455 -30.30 19.50 14.88
CA LEU A 455 -30.74 19.86 13.51
C LEU A 455 -31.91 20.85 13.53
N ASP A 456 -32.86 20.63 14.45
CA ASP A 456 -34.02 21.48 14.55
C ASP A 456 -33.60 22.93 14.82
N ILE A 457 -32.77 23.09 15.83
CA ILE A 457 -32.30 24.42 16.15
C ILE A 457 -31.66 25.06 14.91
N ALA A 458 -30.86 24.29 14.18
CA ALA A 458 -30.17 24.83 13.01
C ALA A 458 -31.11 25.29 11.91
N PHE A 459 -32.29 24.69 11.86
CA PHE A 459 -33.31 25.03 10.85
C PHE A 459 -34.00 26.31 11.25
N LYS A 460 -34.08 26.50 12.57
CA LYS A 460 -34.73 27.66 13.17
C LYS A 460 -33.88 28.92 13.23
N THR A 461 -32.57 28.76 13.27
CA THR A 461 -31.67 29.89 13.35
C THR A 461 -31.25 30.45 11.98
N PHE A 462 -31.61 29.75 10.91
CA PHE A 462 -31.27 30.16 9.56
C PHE A 462 -31.91 31.50 9.12
N PRO A 463 -31.06 32.52 8.86
CA PRO A 463 -31.46 33.87 8.43
C PRO A 463 -32.14 34.01 7.04
N LEU A 464 -33.21 34.80 6.99
CA LEU A 464 -33.98 35.06 5.77
C LEU A 464 -33.88 36.51 5.20
N ALA B 85 26.62 21.53 7.66
CA ALA B 85 25.71 20.71 8.54
C ALA B 85 25.67 19.25 8.09
N SER B 86 26.40 18.39 8.80
CA SER B 86 26.50 16.95 8.53
C SER B 86 25.20 16.16 8.57
N VAL B 87 25.20 15.03 7.87
CA VAL B 87 24.05 14.11 7.83
C VAL B 87 23.76 13.69 9.28
N SER B 88 24.78 13.22 9.96
CA SER B 88 24.66 12.79 11.35
C SER B 88 23.86 13.80 12.13
N THR B 89 24.17 15.07 11.93
CA THR B 89 23.50 16.16 12.64
C THR B 89 22.11 16.45 12.13
N LEU B 90 21.89 16.13 10.86
CA LEU B 90 20.60 16.35 10.22
C LEU B 90 19.60 15.25 10.59
N LEU B 91 20.07 14.01 10.79
CA LEU B 91 19.14 12.93 11.10
C LEU B 91 18.39 13.03 12.41
N VAL B 92 18.90 13.82 13.37
CA VAL B 92 18.28 13.95 14.68
C VAL B 92 17.48 15.22 14.94
N ASN B 93 17.55 16.17 14.00
CA ASN B 93 16.80 17.43 14.14
C ASN B 93 15.28 17.25 14.06
N LEU B 94 14.55 17.99 14.87
CA LEU B 94 13.08 17.89 14.86
C LEU B 94 12.53 19.22 14.35
N ASP B 95 12.16 19.26 13.08
CA ASP B 95 11.66 20.51 12.55
C ASP B 95 10.14 20.54 12.46
N ASN B 96 9.45 20.05 13.49
CA ASN B 96 7.99 20.00 13.44
C ASN B 96 7.36 21.33 13.77
N LYS B 97 7.18 22.15 12.73
CA LYS B 97 6.59 23.48 12.89
C LYS B 97 5.19 23.39 13.49
N PHE B 98 4.33 22.58 12.90
CA PHE B 98 2.95 22.43 13.38
C PHE B 98 2.72 22.12 14.86
N ASP B 99 3.70 21.58 15.56
CA ASP B 99 3.48 21.19 16.96
C ASP B 99 3.56 22.26 18.02
N PRO B 100 2.41 22.63 18.58
CA PRO B 100 2.33 23.65 19.61
C PRO B 100 3.13 23.39 20.90
N PHE B 101 3.39 22.12 21.21
CA PHE B 101 4.12 21.75 22.43
C PHE B 101 5.60 21.33 22.25
N ASP B 102 6.13 21.36 21.03
CA ASP B 102 7.52 20.97 20.78
C ASP B 102 7.94 19.68 21.45
N ALA B 103 7.20 18.61 21.28
CA ALA B 103 7.61 17.34 21.86
C ALA B 103 8.93 16.95 21.14
N MET B 104 9.76 16.16 21.81
CA MET B 104 11.04 15.71 21.25
C MET B 104 10.78 14.66 20.19
N SER B 105 9.66 13.97 20.30
CA SER B 105 9.36 13.02 19.27
C SER B 105 8.18 13.60 18.46
N THR B 106 8.12 13.25 17.18
CA THR B 106 7.04 13.72 16.32
C THR B 106 5.71 13.10 16.77
N PRO B 107 4.69 13.94 17.02
CA PRO B 107 3.35 13.51 17.44
C PRO B 107 2.79 12.58 16.36
N LEU B 108 2.12 11.52 16.78
CA LEU B 108 1.62 10.57 15.80
C LEU B 108 0.18 10.86 15.48
N TYR B 109 -0.08 11.23 14.25
CA TYR B 109 -1.44 11.48 13.85
C TYR B 109 -2.08 10.18 13.38
N GLN B 110 -2.50 9.33 14.31
CA GLN B 110 -3.13 8.05 13.95
C GLN B 110 -4.63 8.33 13.82
N THR B 111 -5.03 8.82 12.65
CA THR B 111 -6.42 9.17 12.39
C THR B 111 -6.59 8.89 10.93
N ALA B 112 -7.83 8.87 10.43
CA ALA B 112 -8.09 8.69 8.98
C ALA B 112 -8.61 10.06 8.44
N THR B 113 -9.52 10.68 9.15
CA THR B 113 -10.02 11.94 8.67
C THR B 113 -9.75 13.08 9.58
N PHE B 114 -9.90 14.29 9.04
CA PHE B 114 -9.69 15.51 9.81
C PHE B 114 -10.98 16.29 9.59
N LYS B 115 -11.38 17.12 10.54
CA LYS B 115 -12.59 17.93 10.34
C LYS B 115 -12.26 19.12 9.43
N GLN B 116 -13.18 19.48 8.53
CA GLN B 116 -12.95 20.62 7.66
C GLN B 116 -13.41 21.91 8.37
N PRO B 117 -12.81 23.06 8.00
CA PRO B 117 -13.17 24.34 8.62
C PRO B 117 -14.57 24.85 8.29
N SER B 118 -15.06 24.53 7.10
CA SER B 118 -16.39 24.97 6.69
C SER B 118 -16.98 24.00 5.67
N ALA B 119 -18.18 24.31 5.21
CA ALA B 119 -18.89 23.50 4.24
C ALA B 119 -18.29 23.58 2.87
N ILE B 120 -17.59 24.68 2.60
CA ILE B 120 -17.01 24.88 1.28
C ILE B 120 -15.51 24.70 1.15
N GLU B 121 -14.77 24.80 2.26
CA GLU B 121 -13.33 24.65 2.15
C GLU B 121 -12.68 23.64 3.04
N ASN B 122 -11.60 23.04 2.51
CA ASN B 122 -10.83 22.03 3.23
C ASN B 122 -9.82 22.66 4.11
N GLY B 123 -9.15 21.82 4.87
CA GLY B 123 -8.10 22.29 5.73
C GLY B 123 -6.83 21.76 5.08
N PRO B 124 -5.68 21.93 5.76
CA PRO B 124 -4.45 21.43 5.15
C PRO B 124 -4.58 19.92 4.96
N TYR B 125 -5.19 19.26 5.94
CA TYR B 125 -5.38 17.81 5.90
C TYR B 125 -6.84 17.47 5.94
N ASP B 126 -7.21 16.38 5.26
CA ASP B 126 -8.59 15.92 5.23
C ASP B 126 -8.70 14.40 5.38
N TYR B 127 -7.85 13.68 4.67
CA TYR B 127 -7.91 12.23 4.69
C TYR B 127 -6.47 11.73 4.67
N THR B 128 -6.14 10.74 5.50
CA THR B 128 -4.76 10.27 5.56
C THR B 128 -4.21 9.68 4.28
N ARG B 129 -5.07 9.15 3.44
CA ARG B 129 -4.54 8.59 2.21
C ARG B 129 -3.93 9.68 1.36
N SER B 130 -4.40 10.90 1.59
CA SER B 130 -3.94 12.05 0.83
C SER B 130 -2.75 12.75 1.44
N GLY B 131 -2.78 12.92 2.76
CA GLY B 131 -1.69 13.57 3.46
C GLY B 131 -1.90 13.45 4.95
N ASN B 132 -0.80 13.43 5.69
CA ASN B 132 -0.85 13.28 7.14
C ASN B 132 0.40 13.96 7.71
N PRO B 133 0.26 14.76 8.80
CA PRO B 133 1.37 15.49 9.45
C PRO B 133 2.60 14.61 9.77
N THR B 134 2.37 13.39 10.27
CA THR B 134 3.51 12.54 10.62
C THR B 134 4.27 12.06 9.40
N ARG B 135 3.54 11.60 8.37
CA ARG B 135 4.15 11.14 7.13
C ARG B 135 4.85 12.32 6.44
N ASP B 136 4.24 13.50 6.55
CA ASP B 136 4.82 14.71 5.97
C ASP B 136 6.17 15.02 6.64
N ALA B 137 6.28 14.76 7.94
CA ALA B 137 7.53 15.01 8.62
C ALA B 137 8.62 14.06 8.12
N LEU B 138 8.23 12.84 7.75
CA LEU B 138 9.18 11.83 7.27
C LEU B 138 9.52 12.03 5.80
N GLU B 139 8.51 12.17 4.97
CA GLU B 139 8.73 12.40 3.53
C GLU B 139 9.63 13.61 3.35
N SER B 140 9.44 14.62 4.19
CA SER B 140 10.25 15.85 4.16
C SER B 140 11.71 15.73 4.65
N LEU B 141 11.98 14.88 5.63
CA LEU B 141 13.36 14.69 6.05
C LEU B 141 14.10 13.95 4.92
N LEU B 142 13.40 12.96 4.33
CA LEU B 142 13.94 12.12 3.26
C LEU B 142 14.24 12.88 1.96
N ALA B 143 13.60 14.01 1.74
CA ALA B 143 13.83 14.80 0.53
C ALA B 143 15.12 15.50 0.79
N LYS B 144 15.29 15.99 2.01
CA LYS B 144 16.54 16.70 2.32
C LYS B 144 17.71 15.70 2.20
N LEU B 145 17.57 14.54 2.84
CA LEU B 145 18.61 13.47 2.79
C LEU B 145 19.08 13.09 1.40
N ASP B 146 18.14 13.08 0.45
CA ASP B 146 18.45 12.71 -0.94
C ASP B 146 18.64 13.88 -1.88
N LYS B 147 18.46 15.08 -1.36
CA LYS B 147 18.59 16.32 -2.15
C LYS B 147 17.59 16.26 -3.28
N ALA B 148 16.35 15.91 -2.94
CA ALA B 148 15.29 15.75 -3.92
C ALA B 148 14.30 16.90 -3.83
N ASP B 149 13.47 17.04 -4.84
CA ASP B 149 12.47 18.09 -4.84
C ASP B 149 11.33 17.72 -3.87
N ARG B 150 10.96 16.44 -3.87
CA ARG B 150 9.92 15.95 -3.00
C ARG B 150 10.16 14.48 -2.74
N ALA B 151 9.73 14.00 -1.59
CA ALA B 151 9.91 12.60 -1.26
C ALA B 151 8.54 11.94 -1.01
N PHE B 152 8.41 10.65 -1.28
CA PHE B 152 7.14 9.96 -1.05
C PHE B 152 7.36 8.64 -0.31
N CYS B 153 6.45 8.35 0.63
CA CYS B 153 6.54 7.17 1.44
C CYS B 153 5.45 6.18 1.09
N PHE B 154 5.83 4.94 0.86
CA PHE B 154 4.88 3.89 0.46
C PHE B 154 4.79 2.79 1.47
N THR B 155 3.69 2.04 1.46
CA THR B 155 3.52 0.96 2.42
C THR B 155 4.71 -0.03 2.41
N SER B 156 5.47 -0.11 1.30
CA SER B 156 6.64 -0.99 1.24
C SER B 156 7.54 -0.62 0.08
N GLY B 157 8.71 -1.27 0.00
CA GLY B 157 9.65 -1.02 -1.08
C GLY B 157 9.00 -1.41 -2.43
N MET B 158 8.43 -2.62 -2.49
CA MET B 158 7.76 -3.05 -3.72
C MET B 158 6.65 -2.09 -4.15
N ALA B 159 5.91 -1.53 -3.19
CA ALA B 159 4.84 -0.61 -3.55
C ALA B 159 5.42 0.61 -4.23
N ALA B 160 6.60 1.02 -3.78
CA ALA B 160 7.27 2.18 -4.35
C ALA B 160 7.69 1.90 -5.79
N LEU B 161 8.18 0.68 -5.99
CA LEU B 161 8.68 0.31 -7.28
C LEU B 161 7.49 0.07 -8.18
N SER B 162 6.42 -0.51 -7.62
CA SER B 162 5.23 -0.74 -8.43
C SER B 162 4.68 0.64 -8.90
N ALA B 163 4.60 1.62 -8.01
CA ALA B 163 4.15 2.92 -8.46
C ALA B 163 5.07 3.45 -9.54
N VAL B 164 6.38 3.35 -9.37
CA VAL B 164 7.21 3.92 -10.40
C VAL B 164 6.78 3.38 -11.74
N THR B 165 6.66 2.06 -11.78
CA THR B 165 6.24 1.26 -12.92
C THR B 165 4.93 1.75 -13.58
N HIS B 166 4.05 2.38 -12.79
CA HIS B 166 2.77 2.93 -13.30
C HIS B 166 3.06 4.37 -13.69
N LEU B 167 3.95 4.54 -14.64
CA LEU B 167 4.31 5.88 -15.03
C LEU B 167 4.60 5.72 -16.51
N ILE B 168 4.88 4.47 -16.90
CA ILE B 168 5.16 4.12 -18.28
C ILE B 168 3.80 3.64 -18.81
N LYS B 169 3.35 4.19 -19.95
CA LYS B 169 2.05 3.84 -20.53
C LYS B 169 2.15 2.68 -21.49
N ASN B 170 1.02 2.45 -22.14
CA ASN B 170 0.90 1.39 -23.12
C ASN B 170 1.79 1.75 -24.31
N GLY B 171 2.57 0.77 -24.78
CA GLY B 171 3.45 0.98 -25.93
C GLY B 171 4.73 1.73 -25.63
N GLU B 172 5.18 1.64 -24.39
CA GLU B 172 6.42 2.28 -24.01
C GLU B 172 7.38 1.17 -23.64
N GLU B 173 8.61 1.53 -23.34
CA GLU B 173 9.57 0.51 -23.00
C GLU B 173 10.34 0.80 -21.73
N ILE B 174 10.83 -0.28 -21.12
CA ILE B 174 11.60 -0.17 -19.90
C ILE B 174 12.82 -0.98 -20.05
N VAL B 175 13.96 -0.31 -19.87
CA VAL B 175 15.28 -0.93 -19.89
C VAL B 175 15.68 -1.24 -18.43
N ALA B 176 15.48 -2.52 -18.06
CA ALA B 176 15.74 -3.05 -16.72
C ALA B 176 17.02 -3.83 -16.60
N GLY B 177 17.93 -3.34 -15.77
CA GLY B 177 19.15 -4.07 -15.56
C GLY B 177 18.76 -5.50 -15.24
N ASP B 178 19.28 -6.50 -15.94
CA ASP B 178 18.92 -7.86 -15.62
C ASP B 178 19.93 -8.38 -14.62
N ASP B 179 19.62 -8.17 -13.34
CA ASP B 179 20.44 -8.56 -12.17
C ASP B 179 19.55 -8.14 -11.02
N VAL B 180 18.77 -7.11 -11.31
CA VAL B 180 17.82 -6.46 -10.41
C VAL B 180 17.03 -7.43 -9.57
N TYR B 181 16.91 -7.06 -8.29
CA TYR B 181 16.23 -7.76 -7.18
C TYR B 181 15.02 -8.65 -7.49
N GLY B 182 14.86 -9.70 -6.68
CA GLY B 182 13.74 -10.62 -6.85
C GLY B 182 12.39 -10.00 -7.14
N GLY B 183 11.82 -9.27 -6.17
CA GLY B 183 10.52 -8.65 -6.37
C GLY B 183 10.51 -7.69 -7.53
N SER B 184 11.67 -7.14 -7.84
CA SER B 184 11.77 -6.25 -8.97
C SER B 184 11.69 -7.14 -10.22
N ASP B 185 12.34 -8.30 -10.13
CA ASP B 185 12.33 -9.22 -11.22
C ASP B 185 10.87 -9.56 -11.52
N ARG B 186 10.25 -10.31 -10.61
CA ARG B 186 8.84 -10.72 -10.70
C ARG B 186 7.95 -9.61 -11.31
N LEU B 187 8.15 -8.38 -10.86
CA LEU B 187 7.38 -7.22 -11.30
C LEU B 187 7.62 -6.94 -12.79
N LEU B 188 8.88 -6.76 -13.17
CA LEU B 188 9.23 -6.48 -14.55
C LEU B 188 8.78 -7.60 -15.42
N SER B 189 8.84 -8.83 -14.91
CA SER B 189 8.41 -9.95 -15.72
C SER B 189 6.90 -10.14 -15.75
N GLN B 190 6.35 -10.73 -14.69
CA GLN B 190 4.92 -11.02 -14.61
C GLN B 190 3.87 -9.94 -14.52
N VAL B 191 4.22 -8.73 -14.10
CA VAL B 191 3.19 -7.69 -13.99
C VAL B 191 3.27 -6.56 -15.05
N VAL B 192 4.40 -5.85 -15.15
CA VAL B 192 4.54 -4.74 -16.11
C VAL B 192 3.96 -5.00 -17.50
N PRO B 193 4.01 -6.27 -17.95
CA PRO B 193 3.48 -6.67 -19.27
C PRO B 193 1.96 -6.52 -19.46
N ARG B 194 1.18 -6.97 -18.49
CA ARG B 194 -0.27 -6.87 -18.58
C ARG B 194 -0.71 -5.44 -18.91
N SER B 195 0.23 -4.48 -18.88
CA SER B 195 -0.11 -3.08 -19.15
C SER B 195 0.29 -2.54 -20.53
N GLY B 196 0.75 -3.43 -21.43
CA GLY B 196 1.14 -3.01 -22.77
C GLY B 196 2.44 -2.22 -22.85
N VAL B 197 3.30 -2.48 -21.86
CA VAL B 197 4.61 -1.87 -21.71
C VAL B 197 5.60 -2.98 -22.07
N VAL B 198 6.66 -2.61 -22.78
CA VAL B 198 7.70 -3.54 -23.22
C VAL B 198 8.90 -3.58 -22.26
N VAL B 199 9.41 -4.77 -22.00
CA VAL B 199 10.54 -4.89 -21.07
C VAL B 199 11.86 -5.44 -21.57
N LYS B 200 12.84 -4.54 -21.71
CA LYS B 200 14.17 -4.94 -22.13
C LYS B 200 15.08 -5.21 -20.92
N ARG B 201 15.93 -6.22 -21.04
CA ARG B 201 16.83 -6.57 -19.96
C ARG B 201 18.26 -6.40 -20.45
N VAL B 202 19.16 -6.09 -19.53
CA VAL B 202 20.57 -5.87 -19.86
C VAL B 202 21.54 -6.08 -18.69
N ASN B 203 22.79 -5.71 -18.96
CA ASN B 203 23.87 -5.73 -17.99
C ASN B 203 24.37 -4.31 -17.96
N THR B 204 23.68 -3.50 -17.17
CA THR B 204 24.01 -2.12 -17.01
C THR B 204 25.51 -1.86 -16.81
N THR B 205 26.33 -2.90 -16.74
CA THR B 205 27.78 -2.67 -16.61
C THR B 205 28.39 -2.50 -18.02
N LYS B 206 27.72 -3.06 -19.03
CA LYS B 206 28.23 -2.96 -20.41
C LYS B 206 27.52 -1.83 -21.14
N LEU B 207 28.07 -0.61 -21.13
CA LEU B 207 27.46 0.56 -21.80
C LEU B 207 26.95 0.36 -23.25
N ASP B 208 27.60 -0.54 -23.98
CA ASP B 208 27.20 -0.86 -25.34
C ASP B 208 25.87 -1.61 -25.26
N GLU B 209 25.84 -2.66 -24.45
CA GLU B 209 24.63 -3.45 -24.23
C GLU B 209 23.48 -2.49 -23.91
N VAL B 210 23.67 -1.62 -22.92
CA VAL B 210 22.64 -0.65 -22.54
C VAL B 210 22.51 0.39 -23.65
N ALA B 211 23.58 0.64 -24.41
CA ALA B 211 23.53 1.62 -25.52
C ALA B 211 22.53 1.12 -26.59
N ALA B 212 22.65 -0.16 -26.92
CA ALA B 212 21.80 -0.81 -27.91
C ALA B 212 20.42 -1.08 -27.37
N ALA B 213 20.31 -1.15 -26.05
CA ALA B 213 19.01 -1.41 -25.45
C ALA B 213 18.11 -0.15 -25.40
N ILE B 214 18.70 1.05 -25.39
CA ILE B 214 17.89 2.28 -25.32
C ILE B 214 17.24 2.70 -26.64
N GLY B 215 15.99 2.25 -26.85
CA GLY B 215 15.28 2.53 -28.07
C GLY B 215 14.69 3.93 -28.25
N PRO B 216 13.83 4.11 -29.28
CA PRO B 216 13.20 5.41 -29.53
C PRO B 216 12.19 5.66 -28.40
N GLN B 217 11.29 4.67 -28.25
CA GLN B 217 10.22 4.69 -27.24
C GLN B 217 10.66 3.97 -25.94
N THR B 218 11.69 4.54 -25.34
CA THR B 218 12.22 4.07 -24.08
C THR B 218 11.96 5.26 -23.12
N LYS B 219 11.13 4.99 -22.11
CA LYS B 219 10.79 6.00 -21.14
C LYS B 219 11.36 5.81 -19.73
N LEU B 220 11.91 4.63 -19.44
CA LEU B 220 12.47 4.35 -18.11
C LEU B 220 13.72 3.48 -18.13
N VAL B 221 14.77 3.96 -17.47
CA VAL B 221 16.01 3.19 -17.33
C VAL B 221 16.06 2.89 -15.80
N TRP B 222 16.10 1.60 -15.43
CA TRP B 222 16.05 1.18 -14.04
C TRP B 222 17.26 0.41 -13.57
N LEU B 223 18.06 1.07 -12.73
CA LEU B 223 19.33 0.56 -12.17
C LEU B 223 19.40 0.23 -10.70
N GLU B 224 20.45 -0.52 -10.37
CA GLU B 224 20.78 -1.01 -9.03
C GLU B 224 22.33 -1.03 -9.03
N SER B 225 22.99 -0.65 -7.92
CA SER B 225 24.46 -0.63 -7.89
C SER B 225 25.03 -0.25 -6.53
N PRO B 226 25.78 -1.17 -5.89
CA PRO B 226 26.17 -2.51 -6.34
C PRO B 226 25.00 -3.44 -6.59
N THR B 227 25.21 -4.47 -7.38
CA THR B 227 24.14 -5.40 -7.62
C THR B 227 24.22 -6.28 -6.41
N ASN B 228 23.40 -7.32 -6.36
CA ASN B 228 23.40 -8.27 -5.26
C ASN B 228 23.27 -9.69 -5.80
N PRO B 229 24.04 -10.64 -5.26
CA PRO B 229 25.01 -10.45 -4.19
C PRO B 229 26.43 -10.10 -4.68
N ARG B 230 26.61 -10.13 -6.01
CA ARG B 230 27.91 -9.88 -6.65
C ARG B 230 28.60 -8.52 -6.49
N GLN B 231 27.82 -7.46 -6.21
CA GLN B 231 28.37 -6.12 -6.00
C GLN B 231 28.99 -5.56 -7.28
N GLN B 232 28.42 -5.92 -8.40
CA GLN B 232 28.95 -5.40 -9.63
C GLN B 232 28.51 -3.95 -9.74
N ILE B 233 29.41 -3.11 -10.24
CA ILE B 233 29.18 -1.67 -10.35
C ILE B 233 28.72 -1.21 -11.75
N SER B 234 27.84 -0.22 -11.81
CA SER B 234 27.34 0.32 -13.07
C SER B 234 27.59 1.81 -13.04
N ASP B 235 27.87 2.43 -14.17
CA ASP B 235 28.12 3.88 -14.12
C ASP B 235 26.84 4.68 -14.28
N ILE B 236 26.38 5.23 -13.16
CA ILE B 236 25.15 5.99 -13.10
C ILE B 236 25.17 7.36 -13.78
N ARG B 237 26.34 7.96 -13.97
CA ARG B 237 26.33 9.27 -14.59
C ARG B 237 26.11 9.14 -16.09
N LYS B 238 26.78 8.13 -16.69
CA LYS B 238 26.76 7.84 -18.13
C LYS B 238 25.48 7.18 -18.58
N ILE B 239 25.02 6.21 -17.80
CA ILE B 239 23.77 5.58 -18.14
C ILE B 239 22.69 6.69 -18.06
N SER B 240 22.93 7.70 -17.22
CA SER B 240 22.01 8.84 -17.06
C SER B 240 21.94 9.70 -18.33
N GLU B 241 23.07 9.92 -18.95
CA GLU B 241 23.09 10.71 -20.17
C GLU B 241 22.53 9.90 -21.36
N MET B 242 22.85 8.62 -21.47
CA MET B 242 22.30 7.84 -22.58
C MET B 242 20.79 7.92 -22.51
N ALA B 243 20.23 7.58 -21.34
CA ALA B 243 18.78 7.63 -21.14
C ALA B 243 18.25 9.03 -21.35
N HIS B 244 18.85 10.02 -20.70
CA HIS B 244 18.34 11.36 -20.87
C HIS B 244 18.37 11.76 -22.29
N ALA B 245 19.17 11.05 -23.08
CA ALA B 245 19.32 11.32 -24.51
C ALA B 245 18.09 11.00 -25.32
N GLN B 246 17.22 10.14 -24.76
CA GLN B 246 15.98 9.73 -25.40
C GLN B 246 14.80 10.30 -24.63
N GLY B 247 15.08 11.25 -23.74
CA GLY B 247 14.02 11.84 -22.95
C GLY B 247 13.44 10.83 -21.97
N ALA B 248 14.26 9.88 -21.50
CA ALA B 248 13.83 8.86 -20.53
C ALA B 248 14.23 9.17 -19.06
N LEU B 249 13.48 8.57 -18.12
CA LEU B 249 13.66 8.73 -16.67
C LEU B 249 14.58 7.63 -16.16
N VAL B 250 15.47 8.01 -15.26
CA VAL B 250 16.38 7.04 -14.68
C VAL B 250 15.95 6.79 -13.27
N LEU B 251 15.72 5.52 -12.95
CA LEU B 251 15.36 5.10 -11.60
C LEU B 251 16.58 4.42 -11.01
N VAL B 252 16.97 4.84 -9.80
CA VAL B 252 18.10 4.22 -9.16
C VAL B 252 17.54 3.75 -7.83
N ASP B 253 17.60 2.42 -7.63
CA ASP B 253 17.16 1.74 -6.41
C ASP B 253 18.40 1.70 -5.54
N ASN B 254 18.47 2.64 -4.61
CA ASN B 254 19.61 2.83 -3.76
C ASN B 254 19.56 2.03 -2.43
N SER B 255 18.46 1.32 -2.19
CA SER B 255 18.30 0.53 -0.98
C SER B 255 19.59 0.05 -0.30
N ILE B 256 20.49 -0.57 -1.08
CA ILE B 256 21.74 -1.10 -0.55
C ILE B 256 22.78 -0.08 -0.08
N MET B 257 22.66 1.18 -0.50
CA MET B 257 23.59 2.24 -0.07
C MET B 257 23.01 3.23 0.97
N SER B 258 21.73 3.59 0.82
CA SER B 258 21.08 4.57 1.69
C SER B 258 21.62 5.99 1.42
N PRO B 259 20.90 7.03 1.84
CA PRO B 259 21.36 8.40 1.60
C PRO B 259 22.69 8.75 2.24
N VAL B 260 23.18 7.93 3.16
CA VAL B 260 24.43 8.30 3.81
C VAL B 260 25.68 7.98 3.03
N LEU B 261 25.57 7.10 2.04
CA LEU B 261 26.71 6.69 1.26
C LEU B 261 26.66 7.11 -0.18
N SER B 262 25.44 7.32 -0.70
CA SER B 262 25.21 7.69 -2.12
C SER B 262 24.00 8.61 -2.27
N ARG B 263 23.99 9.47 -3.30
CA ARG B 263 22.82 10.33 -3.56
C ARG B 263 22.70 10.50 -5.06
N PRO B 264 22.22 9.45 -5.75
CA PRO B 264 22.00 9.29 -7.19
C PRO B 264 21.38 10.45 -7.94
N LEU B 265 20.52 11.22 -7.28
CA LEU B 265 19.91 12.36 -7.95
C LEU B 265 21.02 13.32 -8.42
N GLU B 266 22.13 13.34 -7.69
CA GLU B 266 23.28 14.19 -8.02
C GLU B 266 24.23 13.53 -9.04
N LEU B 267 23.77 12.45 -9.67
CA LEU B 267 24.55 11.70 -10.65
C LEU B 267 23.70 11.50 -11.89
N GLY B 268 22.63 12.28 -11.99
CA GLY B 268 21.73 12.17 -13.11
C GLY B 268 20.47 11.36 -12.95
N ALA B 269 20.22 10.67 -11.83
CA ALA B 269 18.97 9.88 -11.80
C ALA B 269 17.87 10.85 -11.57
N ASP B 270 16.64 10.43 -11.87
CA ASP B 270 15.41 11.23 -11.70
C ASP B 270 14.60 10.84 -10.44
N ILE B 271 14.66 9.54 -10.13
CA ILE B 271 13.99 8.95 -9.01
C ILE B 271 14.90 7.92 -8.35
N VAL B 272 15.08 8.08 -7.05
CA VAL B 272 15.90 7.15 -6.28
C VAL B 272 14.86 6.42 -5.41
N MET B 273 14.94 5.09 -5.32
CA MET B 273 14.00 4.36 -4.47
C MET B 273 14.78 3.67 -3.39
N HIS B 274 14.21 3.57 -2.22
CA HIS B 274 14.88 2.95 -1.06
C HIS B 274 13.85 2.02 -0.42
N SER B 275 14.25 0.79 -0.11
CA SER B 275 13.33 -0.07 0.59
C SER B 275 13.70 0.46 1.96
N ALA B 276 12.79 1.09 2.65
CA ALA B 276 13.12 1.66 3.96
C ALA B 276 13.07 0.61 5.04
N THR B 277 12.59 -0.57 4.64
CA THR B 277 12.52 -1.77 5.47
C THR B 277 13.95 -2.11 5.92
N LYS B 278 14.95 -1.68 5.13
CA LYS B 278 16.37 -1.96 5.37
C LYS B 278 17.10 -0.98 6.30
N PHE B 279 17.99 -0.18 5.77
CA PHE B 279 18.75 0.77 6.55
C PHE B 279 18.06 1.93 7.22
N ILE B 280 17.08 2.50 6.53
CA ILE B 280 16.37 3.64 7.06
C ILE B 280 15.76 3.29 8.38
N ALA B 281 14.86 2.30 8.44
CA ALA B 281 14.29 1.92 9.75
C ALA B 281 15.30 1.12 10.59
N GLY B 282 16.16 0.35 9.90
CA GLY B 282 17.21 -0.44 10.54
C GLY B 282 16.97 -1.39 11.71
N HIS B 283 15.71 -1.71 12.00
CA HIS B 283 15.45 -2.59 13.14
C HIS B 283 14.63 -3.81 12.78
N SER B 284 14.45 -4.00 11.48
CA SER B 284 13.68 -5.08 10.87
C SER B 284 12.31 -5.28 11.48
N ASP B 285 11.67 -4.17 11.85
CA ASP B 285 10.34 -4.24 12.41
C ASP B 285 9.28 -3.38 11.71
N VAL B 286 9.59 -2.90 10.49
CA VAL B 286 8.69 -2.01 9.72
C VAL B 286 8.94 -2.11 8.22
N MET B 287 7.87 -2.24 7.42
CA MET B 287 8.01 -2.31 5.97
C MET B 287 7.75 -0.89 5.55
N ALA B 288 8.52 -0.40 4.58
CA ALA B 288 8.30 0.94 4.03
C ALA B 288 9.10 1.10 2.76
N GLY B 289 8.63 1.96 1.89
CA GLY B 289 9.34 2.20 0.65
C GLY B 289 9.39 3.72 0.47
N VAL B 290 10.42 4.20 -0.19
CA VAL B 290 10.59 5.63 -0.39
C VAL B 290 10.96 5.99 -1.83
N LEU B 291 10.23 6.95 -2.41
CA LEU B 291 10.58 7.48 -3.72
C LEU B 291 11.03 8.94 -3.45
N ALA B 292 12.25 9.30 -3.90
CA ALA B 292 12.79 10.65 -3.75
C ALA B 292 12.87 11.13 -5.18
N VAL B 293 12.18 12.23 -5.44
CA VAL B 293 12.07 12.78 -6.78
C VAL B 293 12.72 14.11 -7.13
N LYS B 294 13.26 14.13 -8.35
CA LYS B 294 13.89 15.29 -8.95
C LYS B 294 12.90 15.83 -9.99
N GLY B 295 12.52 17.10 -9.90
CA GLY B 295 11.60 17.65 -10.86
C GLY B 295 10.16 17.64 -10.40
N GLU B 296 9.57 18.84 -10.34
CA GLU B 296 8.19 19.09 -9.89
C GLU B 296 7.07 18.41 -10.68
N LYS B 297 7.10 18.47 -12.01
CA LYS B 297 6.03 17.82 -12.78
C LYS B 297 6.09 16.31 -12.49
N LEU B 298 7.31 15.83 -12.28
CA LEU B 298 7.56 14.43 -11.99
C LEU B 298 6.95 14.05 -10.66
N ALA B 299 7.30 14.83 -9.65
CA ALA B 299 6.82 14.58 -8.33
C ALA B 299 5.30 14.59 -8.34
N LYS B 300 4.71 15.51 -9.10
CA LYS B 300 3.25 15.61 -9.16
C LYS B 300 2.60 14.36 -9.69
N GLU B 301 3.33 13.64 -10.54
CA GLU B 301 2.80 12.42 -11.10
C GLU B 301 2.96 11.24 -10.13
N VAL B 302 3.93 11.34 -9.20
CA VAL B 302 4.11 10.25 -8.24
C VAL B 302 3.05 10.47 -7.17
N TYR B 303 2.88 11.71 -6.78
CA TYR B 303 1.88 12.00 -5.77
C TYR B 303 0.54 11.55 -6.26
N PHE B 304 0.33 11.63 -7.56
CA PHE B 304 -0.97 11.25 -8.11
C PHE B 304 -1.23 9.78 -7.86
N LEU B 305 -0.18 8.97 -7.98
CA LEU B 305 -0.32 7.55 -7.81
C LEU B 305 -0.23 7.15 -6.34
N GLN B 306 0.50 7.89 -5.54
CA GLN B 306 0.55 7.50 -4.13
C GLN B 306 -0.85 7.79 -3.57
N ASN B 307 -1.39 8.95 -3.95
CA ASN B 307 -2.73 9.37 -3.52
C ASN B 307 -3.94 8.70 -4.18
N SER B 308 -3.76 8.04 -5.33
CA SER B 308 -4.88 7.41 -6.04
C SER B 308 -4.92 5.90 -5.92
N GLU B 309 -3.76 5.27 -5.81
CA GLU B 309 -3.70 3.82 -5.70
C GLU B 309 -3.63 3.50 -4.22
N GLY B 310 -3.74 4.58 -3.43
CA GLY B 310 -3.73 4.56 -1.99
C GLY B 310 -2.64 3.81 -1.29
N SER B 311 -1.39 3.98 -1.72
CA SER B 311 -0.32 3.25 -1.08
C SER B 311 0.61 3.98 -0.13
N GLY B 312 0.16 5.14 0.35
CA GLY B 312 0.95 5.92 1.30
C GLY B 312 1.28 5.20 2.61
N LEU B 313 2.51 5.34 3.07
CA LEU B 313 2.93 4.65 4.29
C LEU B 313 2.01 5.03 5.46
N ALA B 314 1.62 4.06 6.28
CA ALA B 314 0.76 4.34 7.42
C ALA B 314 1.45 5.23 8.50
N PRO B 315 0.68 6.07 9.21
CA PRO B 315 1.24 6.96 10.26
C PRO B 315 2.14 6.28 11.31
N PHE B 316 1.74 5.10 11.79
CA PHE B 316 2.55 4.44 12.78
C PHE B 316 3.89 3.99 12.18
N ASP B 317 3.83 3.33 11.03
CA ASP B 317 5.04 2.93 10.35
C ASP B 317 5.92 4.19 10.06
N CYS B 318 5.32 5.34 9.71
CA CYS B 318 6.12 6.54 9.45
C CYS B 318 6.86 6.92 10.72
N TRP B 319 6.16 6.82 11.83
CA TRP B 319 6.73 7.17 13.13
C TRP B 319 7.88 6.24 13.49
N LEU B 320 7.71 4.94 13.23
CA LEU B 320 8.79 4.00 13.51
C LEU B 320 9.96 4.33 12.55
N CYS B 321 9.66 4.78 11.34
CA CYS B 321 10.73 5.12 10.42
C CYS B 321 11.41 6.36 10.93
N LEU B 322 10.63 7.32 11.38
CA LEU B 322 11.26 8.50 11.91
C LEU B 322 12.13 8.14 13.12
N ARG B 323 11.67 7.21 13.93
CA ARG B 323 12.45 6.91 15.11
C ARG B 323 13.71 6.22 14.73
N GLY B 324 13.62 5.34 13.74
CA GLY B 324 14.83 4.64 13.34
C GLY B 324 15.85 5.41 12.52
N ILE B 325 15.39 6.26 11.61
CA ILE B 325 16.32 6.99 10.74
C ILE B 325 17.32 7.78 11.58
N LYS B 326 16.91 8.20 12.76
CA LYS B 326 17.78 8.97 13.65
C LYS B 326 19.19 8.40 13.94
N THR B 327 19.31 7.09 14.09
CA THR B 327 20.63 6.47 14.27
C THR B 327 21.17 5.89 12.93
N MET B 328 20.59 6.26 11.78
CA MET B 328 21.05 5.68 10.51
C MET B 328 22.54 5.89 10.25
N ALA B 329 23.05 7.10 10.44
CA ALA B 329 24.49 7.39 10.23
C ALA B 329 25.35 6.63 11.25
N LEU B 330 24.89 6.61 12.48
CA LEU B 330 25.57 5.90 13.53
C LEU B 330 25.59 4.38 13.21
N ARG B 331 24.46 3.82 12.79
CA ARG B 331 24.41 2.41 12.47
C ARG B 331 25.22 2.04 11.22
N ILE B 332 25.13 2.85 10.16
CA ILE B 332 25.88 2.49 8.96
C ILE B 332 27.39 2.61 9.23
N GLU B 333 27.79 3.65 9.95
CA GLU B 333 29.17 3.82 10.29
C GLU B 333 29.77 2.56 10.97
N LYS B 334 29.10 1.99 11.96
CA LYS B 334 29.67 0.79 12.60
C LYS B 334 29.55 -0.43 11.70
N GLN B 335 28.36 -0.62 11.11
CA GLN B 335 28.09 -1.76 10.24
C GLN B 335 29.06 -1.92 9.09
N GLN B 336 29.24 -0.85 8.36
CA GLN B 336 30.13 -0.90 7.23
C GLN B 336 31.54 -1.30 7.70
N GLU B 337 32.01 -0.76 8.82
CA GLU B 337 33.35 -1.10 9.29
C GLU B 337 33.45 -2.57 9.71
N ASN B 338 32.34 -3.16 10.15
CA ASN B 338 32.36 -4.55 10.57
C ASN B 338 32.52 -5.38 9.33
N ALA B 339 31.80 -4.94 8.29
CA ALA B 339 31.81 -5.61 7.00
C ALA B 339 33.24 -5.60 6.39
N ARG B 340 33.91 -4.46 6.49
CA ARG B 340 35.25 -4.33 5.96
C ARG B 340 36.14 -5.38 6.59
N LYS B 341 36.07 -5.48 7.91
CA LYS B 341 36.93 -6.40 8.65
C LYS B 341 36.59 -7.88 8.45
N ILE B 342 35.34 -8.20 8.22
CA ILE B 342 34.95 -9.59 8.03
C ILE B 342 35.24 -9.98 6.60
N ALA B 343 35.23 -9.01 5.70
CA ALA B 343 35.51 -9.27 4.28
C ALA B 343 36.99 -9.53 4.20
N MET B 344 37.77 -8.76 4.95
CA MET B 344 39.22 -8.97 4.96
C MET B 344 39.64 -10.28 5.63
N TYR B 345 38.95 -10.70 6.69
CA TYR B 345 39.27 -11.97 7.35
C TYR B 345 38.94 -13.15 6.43
N LEU B 346 37.82 -13.02 5.70
CA LEU B 346 37.38 -14.06 4.81
C LEU B 346 38.19 -14.07 3.55
N SER B 347 38.63 -12.89 3.15
CA SER B 347 39.39 -12.76 1.93
C SER B 347 40.63 -13.64 1.93
N SER B 348 41.31 -13.67 3.08
CA SER B 348 42.51 -14.45 3.23
C SER B 348 42.29 -15.81 3.96
N HIS B 349 41.07 -16.33 3.95
CA HIS B 349 40.80 -17.58 4.62
C HIS B 349 40.94 -18.74 3.63
N PRO B 350 41.67 -19.80 4.03
CA PRO B 350 41.95 -21.02 3.26
C PRO B 350 40.75 -21.71 2.63
N ARG B 351 39.61 -21.68 3.31
CA ARG B 351 38.41 -22.34 2.82
C ARG B 351 37.44 -21.49 2.03
N VAL B 352 37.78 -20.21 1.81
CA VAL B 352 36.94 -19.25 1.08
C VAL B 352 37.56 -19.01 -0.30
N LYS B 353 36.82 -19.30 -1.36
CA LYS B 353 37.32 -19.14 -2.73
C LYS B 353 37.28 -17.75 -3.33
N LYS B 354 36.28 -16.96 -2.96
CA LYS B 354 36.17 -15.60 -3.49
C LYS B 354 35.32 -14.73 -2.56
N VAL B 355 35.59 -13.43 -2.53
CA VAL B 355 34.82 -12.56 -1.69
C VAL B 355 34.40 -11.33 -2.47
N TYR B 356 33.10 -11.09 -2.53
CA TYR B 356 32.59 -9.95 -3.25
C TYR B 356 32.29 -8.84 -2.28
N TYR B 357 32.92 -7.71 -2.51
CA TYR B 357 32.75 -6.55 -1.67
C TYR B 357 33.51 -5.37 -2.31
N ALA B 358 32.75 -4.37 -2.75
CA ALA B 358 33.31 -3.19 -3.38
C ALA B 358 34.31 -2.43 -2.52
N GLY B 359 34.40 -2.74 -1.25
CA GLY B 359 35.35 -2.03 -0.42
C GLY B 359 36.72 -2.66 -0.53
N LEU B 360 36.80 -3.93 -0.92
CA LEU B 360 38.11 -4.59 -1.07
C LEU B 360 38.84 -3.90 -2.22
N PRO B 361 40.11 -3.52 -2.01
CA PRO B 361 40.92 -2.85 -3.03
C PRO B 361 40.91 -3.64 -4.35
N ASP B 362 40.84 -4.95 -4.21
CA ASP B 362 40.85 -5.86 -5.33
C ASP B 362 39.54 -6.01 -6.11
N HIS B 363 38.48 -5.32 -5.71
CA HIS B 363 37.17 -5.46 -6.35
C HIS B 363 36.98 -4.82 -7.70
N PRO B 364 36.64 -5.61 -8.73
CA PRO B 364 36.44 -5.00 -10.05
C PRO B 364 35.33 -3.98 -9.89
N GLY B 365 35.64 -2.70 -10.02
CA GLY B 365 34.58 -1.72 -9.88
C GLY B 365 34.87 -0.83 -8.70
N HIS B 366 35.73 -1.28 -7.81
CA HIS B 366 36.10 -0.50 -6.64
C HIS B 366 36.18 1.03 -6.91
N HIS B 367 37.18 1.45 -7.67
CA HIS B 367 37.37 2.87 -7.98
C HIS B 367 36.13 3.51 -8.61
N LEU B 368 35.45 2.77 -9.50
CA LEU B 368 34.23 3.28 -10.16
C LEU B 368 33.18 3.61 -9.12
N HIS B 369 32.97 2.67 -8.18
CA HIS B 369 31.99 2.82 -7.10
C HIS B 369 32.22 4.08 -6.27
N PHE B 370 33.43 4.21 -5.72
CA PHE B 370 33.78 5.33 -4.88
C PHE B 370 33.86 6.68 -5.61
N SER B 371 33.57 6.70 -6.91
CA SER B 371 33.59 7.94 -7.65
C SER B 371 32.17 8.46 -7.55
N GLN B 372 31.27 7.56 -7.15
CA GLN B 372 29.87 7.89 -6.98
C GLN B 372 29.27 7.43 -5.64
N ALA B 373 30.11 7.17 -4.62
CA ALA B 373 29.61 6.73 -3.29
C ALA B 373 30.70 6.86 -2.24
N LYS B 374 30.32 6.97 -0.98
CA LYS B 374 31.32 7.15 0.04
C LYS B 374 31.63 5.87 0.78
N GLY B 375 31.00 4.77 0.40
CA GLY B 375 31.27 3.57 1.15
C GLY B 375 30.78 2.34 0.45
N ALA B 376 31.35 1.21 0.83
CA ALA B 376 31.04 -0.09 0.28
C ALA B 376 29.75 -0.67 0.88
N GLY B 377 29.39 -0.32 2.09
CA GLY B 377 28.18 -0.91 2.59
C GLY B 377 28.54 -1.91 3.64
N SER B 378 27.55 -2.69 4.02
CA SER B 378 27.76 -3.68 5.06
C SER B 378 27.23 -5.03 4.65
N VAL B 379 26.95 -5.17 3.35
CA VAL B 379 26.47 -6.42 2.78
C VAL B 379 27.53 -6.95 1.80
N PHE B 380 27.84 -8.23 1.90
CA PHE B 380 28.83 -8.80 0.99
C PHE B 380 28.56 -10.28 0.96
N SER B 381 29.27 -11.01 0.12
CA SER B 381 29.06 -12.45 0.02
C SER B 381 30.32 -13.16 -0.37
N PHE B 382 30.31 -14.48 -0.31
CA PHE B 382 31.49 -15.19 -0.69
C PHE B 382 31.17 -16.59 -1.16
N ILE B 383 32.13 -17.19 -1.84
CA ILE B 383 31.94 -18.54 -2.35
C ILE B 383 32.89 -19.50 -1.64
N THR B 384 32.53 -20.77 -1.57
CA THR B 384 33.39 -21.75 -0.93
C THR B 384 33.45 -23.04 -1.76
N GLY B 385 32.83 -23.01 -2.94
CA GLY B 385 32.84 -24.18 -3.80
C GLY B 385 32.24 -25.40 -3.11
N SER B 386 31.85 -25.27 -1.84
CA SER B 386 31.25 -26.37 -1.09
C SER B 386 29.90 -26.09 -0.46
N VAL B 387 28.83 -26.47 -1.14
CA VAL B 387 27.49 -26.26 -0.63
C VAL B 387 27.28 -26.82 0.78
N ALA B 388 27.90 -27.96 1.08
CA ALA B 388 27.74 -28.54 2.40
C ALA B 388 28.47 -27.75 3.48
N LEU B 389 29.48 -26.99 3.06
CA LEU B 389 30.25 -26.14 3.99
C LEU B 389 29.48 -24.85 4.20
N SER B 390 28.89 -24.34 3.12
CA SER B 390 28.10 -23.12 3.16
C SER B 390 26.87 -23.27 4.06
N LYS B 391 26.13 -24.38 3.91
CA LYS B 391 24.93 -24.59 4.74
C LYS B 391 25.38 -24.59 6.19
N HIS B 392 26.50 -25.26 6.43
CA HIS B 392 27.04 -25.38 7.77
C HIS B 392 27.36 -24.01 8.37
N LEU B 393 28.05 -23.16 7.63
CA LEU B 393 28.36 -21.81 8.13
C LEU B 393 27.06 -21.09 8.51
N VAL B 394 26.09 -21.12 7.58
CA VAL B 394 24.78 -20.51 7.74
C VAL B 394 24.00 -21.01 8.96
N GLU B 395 23.96 -22.32 9.09
CA GLU B 395 23.21 -22.93 10.17
C GLU B 395 23.96 -23.14 11.45
N THR B 396 25.28 -23.01 11.43
CA THR B 396 26.10 -23.23 12.64
C THR B 396 26.44 -21.99 13.43
N THR B 397 26.64 -20.88 12.73
CA THR B 397 26.98 -19.62 13.37
C THR B 397 25.96 -19.29 14.43
N LYS B 398 26.46 -18.82 15.58
CA LYS B 398 25.59 -18.48 16.69
C LYS B 398 25.17 -16.99 16.72
N TYR B 399 25.92 -16.13 16.02
CA TYR B 399 25.63 -14.68 16.03
C TYR B 399 24.98 -14.13 14.79
N PHE B 400 24.75 -14.98 13.80
CA PHE B 400 24.09 -14.54 12.58
C PHE B 400 22.74 -15.21 12.51
N SER B 401 21.73 -14.47 12.09
CA SER B 401 20.41 -15.04 11.97
C SER B 401 20.18 -15.40 10.51
N ILE B 402 19.52 -16.51 10.26
CA ILE B 402 19.24 -16.90 8.90
C ILE B 402 17.98 -16.15 8.50
N ALA B 403 18.14 -15.15 7.66
CA ALA B 403 16.99 -14.36 7.25
C ALA B 403 17.29 -13.59 6.00
N VAL B 404 16.24 -13.11 5.35
CA VAL B 404 16.39 -12.31 4.14
C VAL B 404 16.61 -10.83 4.49
N SER B 405 16.88 -10.05 3.46
CA SER B 405 17.18 -8.60 3.58
C SER B 405 18.47 -8.30 4.35
N PHE B 406 18.67 -7.03 4.63
CA PHE B 406 19.91 -6.60 5.25
C PHE B 406 19.67 -5.24 5.85
N GLY B 407 20.69 -4.68 6.44
CA GLY B 407 20.56 -3.35 7.00
C GLY B 407 19.94 -3.23 8.38
N SER B 408 19.90 -4.32 9.12
CA SER B 408 19.34 -4.25 10.47
C SER B 408 20.53 -4.22 11.43
N VAL B 409 20.27 -3.89 12.69
CA VAL B 409 21.34 -3.89 13.63
C VAL B 409 21.80 -5.35 13.90
N LYS B 410 21.00 -6.33 13.53
CA LYS B 410 21.38 -7.75 13.78
C LYS B 410 22.09 -8.30 12.55
N SER B 411 23.19 -9.01 12.72
CA SER B 411 23.87 -9.54 11.53
C SER B 411 23.05 -10.74 11.00
N LEU B 412 22.93 -10.78 9.67
CA LEU B 412 22.17 -11.81 9.00
C LEU B 412 23.12 -12.61 8.13
N ILE B 413 22.73 -13.85 7.83
CA ILE B 413 23.53 -14.73 6.99
C ILE B 413 22.55 -15.59 6.21
N SER B 414 22.87 -15.89 4.95
CA SER B 414 22.00 -16.69 4.09
C SER B 414 22.72 -17.23 2.85
N MET B 415 21.98 -18.01 2.07
CA MET B 415 22.46 -18.57 0.82
C MET B 415 21.37 -18.18 -0.16
N PRO B 416 21.56 -17.08 -0.90
CA PRO B 416 20.58 -16.58 -1.88
C PRO B 416 20.43 -17.53 -3.06
N CYS B 417 21.45 -18.37 -3.20
CA CYS B 417 21.58 -19.36 -4.26
C CYS B 417 20.71 -20.60 -4.15
N PHE B 418 20.53 -21.12 -2.94
CA PHE B 418 19.68 -22.29 -2.74
C PHE B 418 18.54 -21.97 -1.77
N MET B 419 18.38 -20.67 -1.44
CA MET B 419 17.33 -20.22 -0.51
C MET B 419 16.47 -19.07 -1.03
N SER B 420 17.08 -17.92 -1.31
CA SER B 420 16.33 -16.75 -1.82
C SER B 420 15.77 -17.09 -3.20
N HIS B 421 15.69 -18.38 -3.45
CA HIS B 421 15.18 -18.98 -4.68
C HIS B 421 15.21 -20.50 -4.44
N ALA B 422 14.39 -20.96 -3.49
CA ALA B 422 14.27 -22.38 -3.13
C ALA B 422 13.62 -23.14 -4.27
N SER B 423 12.85 -22.42 -5.08
CA SER B 423 12.17 -22.97 -6.24
C SER B 423 13.14 -22.98 -7.44
N ILE B 424 14.42 -22.75 -7.16
CA ILE B 424 15.49 -22.71 -8.17
C ILE B 424 16.17 -24.08 -8.35
N PRO B 425 15.88 -24.72 -9.48
CA PRO B 425 16.42 -26.04 -9.81
C PRO B 425 17.93 -25.97 -10.06
N ALA B 426 18.42 -26.87 -10.92
CA ALA B 426 19.83 -26.91 -11.26
C ALA B 426 20.13 -25.99 -12.44
N GLU B 427 19.08 -25.68 -13.21
CA GLU B 427 19.20 -24.79 -14.37
C GLU B 427 18.56 -23.42 -14.06
N VAL B 428 17.68 -23.40 -13.06
CA VAL B 428 16.98 -22.18 -12.64
C VAL B 428 17.92 -21.26 -11.85
N ARG B 429 18.98 -21.85 -11.29
CA ARG B 429 19.99 -21.11 -10.52
C ARG B 429 21.20 -20.77 -11.41
N GLU B 430 21.40 -21.59 -12.45
CA GLU B 430 22.48 -21.38 -13.41
C GLU B 430 22.04 -20.27 -14.38
N ALA B 431 20.74 -20.14 -14.55
CA ALA B 431 20.14 -19.11 -15.43
C ALA B 431 20.12 -17.77 -14.70
N ARG B 432 20.74 -17.76 -13.51
CA ARG B 432 20.84 -16.57 -12.66
C ARG B 432 22.22 -16.56 -12.01
N GLY B 433 23.13 -15.70 -12.51
CA GLY B 433 24.50 -15.58 -11.99
C GLY B 433 24.55 -15.62 -10.45
N LEU B 434 24.91 -16.79 -9.93
CA LEU B 434 24.98 -17.07 -8.50
C LEU B 434 25.36 -18.57 -8.49
N THR B 435 25.79 -19.10 -7.34
CA THR B 435 26.14 -20.53 -7.29
C THR B 435 25.77 -21.21 -5.98
N GLU B 436 24.93 -22.23 -6.10
CA GLU B 436 24.43 -23.03 -4.98
C GLU B 436 25.14 -22.89 -3.62
N ASP B 437 26.46 -22.65 -3.63
CA ASP B 437 27.23 -22.53 -2.39
C ASP B 437 27.45 -21.10 -1.85
N LEU B 438 27.10 -20.08 -2.62
CA LEU B 438 27.28 -18.68 -2.24
C LEU B 438 26.59 -18.28 -0.93
N VAL B 439 27.34 -17.62 -0.05
CA VAL B 439 26.81 -17.19 1.24
C VAL B 439 26.82 -15.69 1.29
N ARG B 440 25.70 -15.09 1.68
CA ARG B 440 25.63 -13.63 1.82
C ARG B 440 25.48 -13.22 3.28
N ILE B 441 26.25 -12.22 3.69
CA ILE B 441 26.21 -11.69 5.04
C ILE B 441 25.82 -10.21 5.04
N SER B 442 24.99 -9.83 6.02
CA SER B 442 24.58 -8.45 6.25
C SER B 442 25.12 -8.21 7.63
N ALA B 443 26.24 -7.51 7.75
CA ALA B 443 26.86 -7.25 9.07
C ALA B 443 26.03 -6.27 9.90
N GLY B 444 25.86 -6.63 11.17
CA GLY B 444 25.11 -5.85 12.13
C GLY B 444 26.03 -4.97 12.96
N ILE B 445 25.59 -4.52 14.12
CA ILE B 445 26.44 -3.65 14.91
C ILE B 445 27.09 -4.27 16.13
N GLU B 446 27.26 -5.59 16.10
CA GLU B 446 27.88 -6.31 17.20
C GLU B 446 29.38 -6.06 17.23
N ASP B 447 30.08 -6.70 18.17
CA ASP B 447 31.53 -6.56 18.30
C ASP B 447 32.09 -7.47 17.21
N VAL B 448 32.82 -6.88 16.27
CA VAL B 448 33.30 -7.67 15.16
C VAL B 448 34.16 -8.86 15.56
N ASP B 449 34.69 -8.88 16.78
CA ASP B 449 35.50 -10.03 17.19
C ASP B 449 34.61 -11.17 17.56
N ASP B 450 33.40 -10.82 17.96
CA ASP B 450 32.40 -11.81 18.29
C ASP B 450 31.98 -12.44 16.98
N LEU B 451 31.77 -11.62 15.96
CA LEU B 451 31.33 -12.16 14.68
C LEU B 451 32.42 -12.96 13.92
N ILE B 452 33.65 -12.44 13.86
CA ILE B 452 34.74 -13.14 13.17
C ILE B 452 35.03 -14.44 13.90
N SER B 453 35.08 -14.36 15.23
CA SER B 453 35.31 -15.54 16.06
C SER B 453 34.24 -16.59 15.83
N ASP B 454 32.99 -16.15 15.69
CA ASP B 454 31.87 -17.03 15.46
C ASP B 454 32.04 -17.77 14.13
N LEU B 455 32.46 -17.05 13.08
CA LEU B 455 32.68 -17.60 11.74
C LEU B 455 33.87 -18.57 11.70
N ASP B 456 34.92 -18.24 12.45
CA ASP B 456 36.11 -19.09 12.48
C ASP B 456 35.76 -20.41 13.14
N ILE B 457 35.18 -20.35 14.32
CA ILE B 457 34.80 -21.58 14.97
C ILE B 457 33.96 -22.42 13.99
N ALA B 458 33.13 -21.76 13.20
CA ALA B 458 32.25 -22.45 12.26
C ALA B 458 32.97 -23.22 11.15
N PHE B 459 34.09 -22.67 10.67
CA PHE B 459 34.87 -23.34 9.63
C PHE B 459 35.61 -24.52 10.26
N LYS B 460 36.10 -24.32 11.48
CA LYS B 460 36.83 -25.35 12.20
C LYS B 460 35.99 -26.50 12.76
N THR B 461 34.70 -26.51 12.50
CA THR B 461 33.87 -27.58 13.04
C THR B 461 33.27 -28.41 11.94
N PHE B 462 33.44 -27.97 10.70
CA PHE B 462 32.93 -28.71 9.58
C PHE B 462 33.77 -29.96 9.34
N PRO B 463 33.18 -31.17 9.52
CA PRO B 463 33.84 -32.47 9.34
C PRO B 463 34.01 -32.85 7.88
N LEU B 464 34.82 -33.89 7.62
CA LEU B 464 35.06 -34.36 6.25
C LEU B 464 34.83 -35.86 6.03
#